data_8QVY
#
_entry.id   8QVY
#
_cell.length_a   106.230
_cell.length_b   115.510
_cell.length_c   82.610
_cell.angle_alpha   90.000
_cell.angle_beta   94.316
_cell.angle_gamma   90.000
#
_symmetry.space_group_name_H-M   'C 1 2 1'
#
loop_
_entity.id
_entity.type
_entity.pdbx_description
1 polymer 'Nucleoside diphosphate kinase 3'
2 non-polymer 'PHOSPHATE ION'
#
_entity_poly.entity_id   1
_entity_poly.type   'polypeptide(L)'
_entity_poly.pdbx_seq_one_letter_code
;GHMTGAHERTFLAVKPDGVQRRLVGEIVRRFERKGFKLVALKLVQASEELLREHYAELRERPFYGRLVKYMASGPVVAMV
WQGLDVVRTSRALIGATNPADAPPGTIRGDFCIEVGKNLIHGSDSVESARREIALWFRADELLCWEDSAGHWLYE
;
_entity_poly.pdbx_strand_id   A,B,C,D,E,F
#
loop_
_chem_comp.id
_chem_comp.type
_chem_comp.name
_chem_comp.formula
PO4 non-polymer 'PHOSPHATE ION' 'O4 P -3'
#
# COMPACT_ATOMS: atom_id res chain seq x y z
N THR A 4 -15.70 -1.15 30.21
CA THR A 4 -16.98 -1.47 29.53
C THR A 4 -16.75 -2.56 28.46
N GLY A 5 -15.74 -3.42 28.70
CA GLY A 5 -15.31 -4.49 27.81
C GLY A 5 -14.95 -3.98 26.41
N ALA A 6 -15.89 -4.19 25.48
CA ALA A 6 -15.76 -3.78 24.08
C ALA A 6 -16.19 -2.34 23.89
N HIS A 7 -16.64 -1.67 24.97
CA HIS A 7 -16.97 -0.25 24.95
C HIS A 7 -15.80 0.58 25.51
N GLU A 8 -14.66 -0.04 25.87
CA GLU A 8 -13.48 0.68 26.30
C GLU A 8 -13.09 1.72 25.25
N ARG A 9 -12.51 2.84 25.71
CA ARG A 9 -12.14 3.92 24.82
C ARG A 9 -10.73 4.39 25.15
N THR A 10 -9.99 4.88 24.17
CA THR A 10 -8.70 5.49 24.42
C THR A 10 -8.63 6.81 23.67
N PHE A 11 -7.76 7.69 24.15
CA PHE A 11 -7.55 8.97 23.50
C PHE A 11 -6.26 8.85 22.73
N LEU A 12 -6.30 9.24 21.44
CA LEU A 12 -5.12 9.33 20.58
C LEU A 12 -5.01 10.73 20.03
N ALA A 13 -3.76 11.16 19.90
CA ALA A 13 -3.48 12.47 19.33
C ALA A 13 -2.31 12.36 18.37
N VAL A 14 -2.55 12.65 17.10
CA VAL A 14 -1.46 12.86 16.19
C VAL A 14 -0.83 14.19 16.58
N LYS A 15 0.47 14.17 16.90
CA LYS A 15 1.18 15.38 17.26
C LYS A 15 1.49 16.17 15.99
N PRO A 16 1.97 17.42 16.10
CA PRO A 16 2.13 18.28 14.93
C PRO A 16 3.09 17.71 13.88
N ASP A 17 4.05 16.89 14.32
CA ASP A 17 4.97 16.27 13.39
C ASP A 17 4.17 15.32 12.49
N GLY A 18 3.23 14.60 13.08
CA GLY A 18 2.37 13.73 12.29
C GLY A 18 1.62 14.52 11.23
N VAL A 19 1.13 15.70 11.59
CA VAL A 19 0.33 16.43 10.64
C VAL A 19 1.23 16.94 9.53
N GLN A 20 2.39 17.44 9.93
CA GLN A 20 3.34 18.09 9.04
C GLN A 20 3.93 17.11 8.03
N ARG A 21 4.28 15.94 8.55
CA ARG A 21 4.75 14.84 7.72
C ARG A 21 3.62 14.12 6.98
N ARG A 22 2.39 14.62 7.07
CA ARG A 22 1.28 14.02 6.34
C ARG A 22 1.04 12.56 6.71
N LEU A 23 0.94 12.18 7.97
CA LEU A 23 0.70 10.79 8.30
C LEU A 23 -0.61 10.56 9.02
N VAL A 24 -1.52 11.53 8.95
CA VAL A 24 -2.76 11.42 9.69
C VAL A 24 -3.58 10.25 9.13
N GLY A 25 -3.82 10.29 7.81
CA GLY A 25 -4.52 9.24 7.10
C GLY A 25 -3.94 7.87 7.43
N GLU A 26 -2.62 7.78 7.28
CA GLU A 26 -1.91 6.54 7.51
C GLU A 26 -2.22 5.99 8.90
N ILE A 27 -2.17 6.85 9.89
CA ILE A 27 -2.39 6.45 11.28
C ILE A 27 -3.85 6.03 11.44
N VAL A 28 -4.76 6.87 10.98
CA VAL A 28 -6.17 6.53 11.09
C VAL A 28 -6.39 5.13 10.51
N ARG A 29 -5.85 4.93 9.31
CA ARG A 29 -6.08 3.70 8.57
C ARG A 29 -5.65 2.49 9.39
N ARG A 30 -4.56 2.62 10.13
CA ARG A 30 -4.13 1.47 10.92
C ARG A 30 -5.17 1.12 11.96
N PHE A 31 -5.77 2.13 12.60
CA PHE A 31 -6.77 1.86 13.61
C PHE A 31 -8.03 1.29 12.95
N GLU A 32 -8.44 1.86 11.83
CA GLU A 32 -9.60 1.36 11.11
C GLU A 32 -9.45 -0.15 10.84
N ARG A 33 -8.33 -0.53 10.22
CA ARG A 33 -8.17 -1.87 9.68
C ARG A 33 -7.97 -2.88 10.82
N LYS A 34 -7.58 -2.38 11.98
CA LYS A 34 -7.46 -3.25 13.15
C LYS A 34 -8.86 -3.60 13.65
N GLY A 35 -9.81 -2.71 13.36
CA GLY A 35 -11.21 -2.96 13.64
C GLY A 35 -11.80 -2.06 14.70
N PHE A 36 -11.02 -1.20 15.33
CA PHE A 36 -11.55 -0.28 16.33
C PHE A 36 -12.49 0.71 15.68
N LYS A 37 -13.37 1.28 16.52
CA LYS A 37 -14.48 2.13 16.11
C LYS A 37 -14.14 3.59 16.44
N LEU A 38 -14.12 4.44 15.42
CA LEU A 38 -13.82 5.85 15.60
C LEU A 38 -15.05 6.54 16.16
N VAL A 39 -14.95 7.11 17.36
CA VAL A 39 -16.10 7.73 18.01
C VAL A 39 -15.90 9.24 18.22
N ALA A 40 -14.68 9.76 17.98
CA ALA A 40 -14.46 11.20 18.00
C ALA A 40 -13.17 11.55 17.28
N LEU A 41 -13.20 12.70 16.59
CA LEU A 41 -12.12 13.16 15.75
C LEU A 41 -12.23 14.67 15.54
N LYS A 42 -11.19 15.40 15.95
CA LYS A 42 -11.09 16.84 15.78
C LYS A 42 -9.64 17.23 15.43
N LEU A 43 -9.49 18.13 14.44
CA LEU A 43 -8.24 18.82 14.21
C LEU A 43 -8.29 20.12 15.00
N VAL A 44 -7.41 20.26 16.00
CA VAL A 44 -7.43 21.42 16.85
C VAL A 44 -6.02 21.95 17.03
N GLN A 45 -5.98 23.23 17.38
CA GLN A 45 -4.78 23.92 17.81
C GLN A 45 -4.87 23.97 19.33
N ALA A 46 -4.09 23.16 20.05
CA ALA A 46 -4.30 23.07 21.49
C ALA A 46 -3.74 24.31 22.18
N SER A 47 -4.49 24.80 23.19
CA SER A 47 -4.08 25.93 24.01
C SER A 47 -3.04 25.44 25.01
N GLU A 48 -2.22 26.37 25.50
CA GLU A 48 -1.21 26.03 26.50
C GLU A 48 -1.88 25.62 27.80
N GLU A 49 -3.06 26.20 28.09
CA GLU A 49 -3.79 25.93 29.32
C GLU A 49 -4.20 24.44 29.34
N LEU A 50 -4.79 23.98 28.23
CA LEU A 50 -5.22 22.58 28.10
C LEU A 50 -4.03 21.64 28.24
N LEU A 51 -2.93 21.98 27.54
CA LEU A 51 -1.78 21.10 27.43
C LEU A 51 -1.05 20.97 28.79
N ARG A 52 -1.08 22.04 29.58
CA ARG A 52 -0.50 22.00 30.92
C ARG A 52 -1.29 21.04 31.81
N GLU A 53 -2.61 20.93 31.58
CA GLU A 53 -3.44 19.98 32.30
C GLU A 53 -3.24 18.58 31.73
N HIS A 54 -3.19 18.46 30.40
CA HIS A 54 -2.93 17.19 29.76
C HIS A 54 -1.65 16.58 30.35
N TYR A 55 -0.58 17.39 30.47
CA TYR A 55 0.74 16.89 30.83
C TYR A 55 1.04 17.20 32.29
N ALA A 56 -0.01 17.30 33.12
CA ALA A 56 0.11 17.73 34.50
C ALA A 56 0.99 16.78 35.33
N GLU A 57 0.96 15.48 35.01
CA GLU A 57 1.76 14.48 35.73
C GLU A 57 3.24 14.73 35.48
N LEU A 58 3.59 15.42 34.38
CA LEU A 58 4.99 15.61 33.98
C LEU A 58 5.50 17.03 34.31
N ARG A 59 4.92 17.73 35.31
CA ARG A 59 5.15 19.15 35.54
C ARG A 59 6.52 19.48 36.18
N GLU A 60 7.17 18.52 36.85
CA GLU A 60 8.47 18.79 37.47
C GLU A 60 9.61 18.23 36.62
N ARG A 61 9.31 17.51 35.52
CA ARG A 61 10.33 16.97 34.65
C ARG A 61 10.96 18.13 33.88
N PRO A 62 12.22 18.01 33.41
CA PRO A 62 12.88 19.10 32.68
C PRO A 62 12.35 19.40 31.27
N PHE A 63 11.62 18.44 30.66
CA PHE A 63 11.15 18.56 29.30
C PHE A 63 9.80 19.29 29.22
N TYR A 64 9.18 19.60 30.36
CA TYR A 64 7.77 19.97 30.45
C TYR A 64 7.45 21.28 29.72
N GLY A 65 8.27 22.30 29.93
CA GLY A 65 8.08 23.56 29.25
C GLY A 65 8.09 23.38 27.73
N ARG A 66 9.08 22.63 27.21
CA ARG A 66 9.34 22.53 25.79
C ARG A 66 8.26 21.65 25.15
N LEU A 67 7.83 20.62 25.88
CA LEU A 67 6.77 19.69 25.49
C LEU A 67 5.44 20.43 25.29
N VAL A 68 5.14 21.35 26.21
CA VAL A 68 3.93 22.15 26.14
C VAL A 68 4.04 23.13 24.96
N LYS A 69 5.17 23.85 24.87
CA LYS A 69 5.36 24.85 23.82
C LYS A 69 5.33 24.14 22.46
N TYR A 70 5.77 22.87 22.41
CA TYR A 70 5.78 22.07 21.18
C TYR A 70 4.34 21.76 20.75
N MET A 71 3.58 21.10 21.64
CA MET A 71 2.27 20.55 21.31
C MET A 71 1.26 21.66 20.97
N ALA A 72 1.59 22.88 21.39
CA ALA A 72 0.85 24.07 21.02
C ALA A 72 1.44 24.71 19.76
N SER A 73 2.59 24.21 19.29
CA SER A 73 3.30 24.82 18.16
C SER A 73 2.51 24.66 16.87
N GLY A 74 1.68 23.61 16.80
CA GLY A 74 0.95 23.31 15.58
C GLY A 74 -0.39 22.63 15.84
N PRO A 75 -1.05 22.20 14.76
CA PRO A 75 -2.33 21.51 14.86
C PRO A 75 -2.02 20.09 15.30
N VAL A 76 -2.88 19.55 16.17
CA VAL A 76 -2.91 18.13 16.44
C VAL A 76 -4.24 17.56 15.93
N VAL A 77 -4.26 16.25 15.72
CA VAL A 77 -5.50 15.56 15.45
C VAL A 77 -5.85 14.72 16.68
N ALA A 78 -6.91 15.12 17.35
CA ALA A 78 -7.38 14.43 18.54
C ALA A 78 -8.42 13.40 18.12
N MET A 79 -8.46 12.27 18.85
CA MET A 79 -9.18 11.08 18.41
C MET A 79 -9.61 10.24 19.60
N VAL A 80 -10.78 9.61 19.45
CA VAL A 80 -11.20 8.59 20.40
C VAL A 80 -11.60 7.32 19.64
N TRP A 81 -11.05 6.21 20.12
CA TRP A 81 -11.22 4.90 19.53
C TRP A 81 -11.81 3.96 20.56
N GLN A 82 -12.75 3.15 20.09
CA GLN A 82 -13.49 2.26 20.97
C GLN A 82 -13.29 0.82 20.51
N GLY A 83 -13.07 -0.06 21.50
CA GLY A 83 -13.12 -1.49 21.26
C GLY A 83 -12.45 -2.25 22.41
N LEU A 84 -12.43 -3.57 22.28
CA LEU A 84 -11.92 -4.40 23.37
C LEU A 84 -10.43 -4.13 23.55
N ASP A 85 -10.08 -3.79 24.79
CA ASP A 85 -8.69 -3.69 25.18
C ASP A 85 -7.98 -2.62 24.35
N VAL A 86 -8.73 -1.62 23.89
CA VAL A 86 -8.25 -0.66 22.91
C VAL A 86 -7.08 0.16 23.47
N VAL A 87 -7.07 0.45 24.76
CA VAL A 87 -6.00 1.25 25.33
C VAL A 87 -4.67 0.53 25.17
N ARG A 88 -4.61 -0.72 25.69
CA ARG A 88 -3.40 -1.53 25.66
C ARG A 88 -3.00 -1.82 24.22
N THR A 89 -3.96 -2.15 23.36
CA THR A 89 -3.66 -2.53 22.00
C THR A 89 -3.16 -1.31 21.22
N SER A 90 -3.72 -0.13 21.51
CA SER A 90 -3.26 1.10 20.89
C SER A 90 -1.80 1.35 21.25
N ARG A 91 -1.46 1.16 22.53
CA ARG A 91 -0.09 1.38 23.00
C ARG A 91 0.81 0.50 22.12
N ALA A 92 0.33 -0.70 21.79
CA ALA A 92 1.11 -1.69 21.07
C ALA A 92 1.27 -1.31 19.60
N LEU A 93 0.18 -0.85 18.96
CA LEU A 93 0.23 -0.48 17.56
C LEU A 93 1.15 0.71 17.38
N ILE A 94 1.16 1.57 18.39
CA ILE A 94 1.92 2.81 18.36
C ILE A 94 3.40 2.49 18.53
N GLY A 95 3.70 1.64 19.53
CA GLY A 95 5.05 1.24 19.85
C GLY A 95 5.63 2.01 21.04
N ALA A 96 6.79 1.55 21.51
CA ALA A 96 7.49 2.16 22.64
C ALA A 96 7.62 3.67 22.46
N THR A 97 7.77 4.36 23.60
CA THR A 97 7.80 5.82 23.62
C THR A 97 9.02 6.31 22.85
N ASN A 98 10.16 5.72 23.17
CA ASN A 98 11.35 5.96 22.40
C ASN A 98 11.31 5.07 21.15
N PRO A 99 11.18 5.64 19.92
CA PRO A 99 11.12 4.83 18.70
C PRO A 99 12.29 3.89 18.48
N ALA A 100 13.44 4.21 19.05
CA ALA A 100 14.57 3.30 18.96
C ALA A 100 14.18 1.94 19.51
N ASP A 101 13.21 1.88 20.43
CA ASP A 101 12.78 0.63 21.04
C ASP A 101 11.49 0.11 20.42
N ALA A 102 11.00 0.74 19.35
CA ALA A 102 9.73 0.36 18.76
C ALA A 102 9.98 -0.52 17.54
N PRO A 103 9.57 -1.81 17.58
CA PRO A 103 9.92 -2.73 16.51
C PRO A 103 9.14 -2.39 15.26
N PRO A 104 9.72 -2.65 14.06
CA PRO A 104 9.06 -2.33 12.80
C PRO A 104 7.72 -3.03 12.80
N GLY A 105 6.76 -2.42 12.11
CA GLY A 105 5.39 -2.90 12.21
C GLY A 105 4.55 -1.97 13.07
N THR A 106 5.14 -1.40 14.12
CA THR A 106 4.48 -0.36 14.91
C THR A 106 4.62 0.99 14.22
N ILE A 107 3.79 1.96 14.62
CA ILE A 107 3.78 3.24 13.94
C ILE A 107 5.12 3.92 14.15
N ARG A 108 5.61 3.89 15.38
CA ARG A 108 6.86 4.60 15.66
C ARG A 108 8.01 3.84 15.05
N GLY A 109 7.95 2.50 15.12
CA GLY A 109 8.95 1.65 14.50
C GLY A 109 9.10 1.92 13.00
N ASP A 110 8.02 2.36 12.35
CA ASP A 110 7.98 2.47 10.91
C ASP A 110 8.34 3.90 10.49
N PHE A 111 8.01 4.90 11.32
CA PHE A 111 7.95 6.28 10.87
C PHE A 111 8.80 7.26 11.67
N CYS A 112 9.34 6.86 12.83
CA CYS A 112 9.92 7.85 13.73
C CYS A 112 11.34 7.48 14.12
N ILE A 113 12.12 8.51 14.45
CA ILE A 113 13.51 8.27 14.82
C ILE A 113 13.74 8.59 16.28
N GLU A 114 13.24 9.74 16.75
CA GLU A 114 13.64 10.32 18.03
C GLU A 114 12.40 10.56 18.89
N VAL A 115 12.62 10.52 20.21
CA VAL A 115 11.54 10.46 21.18
C VAL A 115 10.72 11.77 21.21
N GLY A 116 11.36 12.90 20.94
CA GLY A 116 10.64 14.18 20.90
C GLY A 116 9.73 14.33 19.70
N LYS A 117 10.02 13.57 18.63
CA LYS A 117 9.23 13.63 17.41
C LYS A 117 8.75 12.23 17.06
N ASN A 118 7.85 11.74 17.92
CA ASN A 118 7.31 10.39 17.88
C ASN A 118 5.82 10.38 17.53
N LEU A 119 5.35 11.45 16.88
CA LEU A 119 4.22 11.39 15.97
C LEU A 119 2.84 11.37 16.66
N ILE A 120 2.71 10.70 17.82
CA ILE A 120 1.39 10.41 18.32
C ILE A 120 1.44 10.20 19.83
N HIS A 121 0.36 10.56 20.52
CA HIS A 121 0.15 10.25 21.92
C HIS A 121 -0.99 9.24 22.01
N GLY A 122 -0.83 8.25 22.90
CA GLY A 122 -1.93 7.40 23.27
C GLY A 122 -2.08 7.31 24.79
N SER A 123 -3.32 7.25 25.27
CA SER A 123 -3.54 7.10 26.70
C SER A 123 -2.82 5.82 27.13
N ASP A 124 -2.21 5.91 28.31
CA ASP A 124 -1.38 4.84 28.84
C ASP A 124 -2.14 3.98 29.84
N SER A 125 -3.40 4.34 30.15
CA SER A 125 -4.23 3.50 30.99
C SER A 125 -5.68 3.88 30.81
N VAL A 126 -6.56 3.01 31.28
CA VAL A 126 -7.97 3.25 31.12
C VAL A 126 -8.33 4.53 31.88
N GLU A 127 -7.69 4.68 33.06
CA GLU A 127 -7.86 5.88 33.86
C GLU A 127 -7.46 7.11 33.04
N SER A 128 -6.24 7.10 32.48
CA SER A 128 -5.75 8.24 31.72
C SER A 128 -6.69 8.57 30.57
N ALA A 129 -7.28 7.54 29.96
CA ALA A 129 -8.15 7.74 28.82
C ALA A 129 -9.40 8.50 29.27
N ARG A 130 -9.97 8.09 30.40
CA ARG A 130 -11.17 8.75 30.90
C ARG A 130 -10.91 10.24 31.03
N ARG A 131 -9.82 10.57 31.71
CA ARG A 131 -9.43 11.94 31.97
C ARG A 131 -9.15 12.69 30.66
N GLU A 132 -8.38 12.06 29.78
CA GLU A 132 -7.92 12.73 28.57
C GLU A 132 -9.13 12.98 27.67
N ILE A 133 -10.09 12.04 27.68
CA ILE A 133 -11.21 12.14 26.76
C ILE A 133 -12.08 13.31 27.19
N ALA A 134 -12.26 13.43 28.52
CA ALA A 134 -13.09 14.50 29.07
C ALA A 134 -12.40 15.85 28.89
N LEU A 135 -11.07 15.87 28.98
CA LEU A 135 -10.33 17.10 28.86
C LEU A 135 -10.40 17.66 27.44
N TRP A 136 -10.32 16.77 26.45
CA TRP A 136 -10.17 17.18 25.06
C TRP A 136 -11.52 17.23 24.31
N PHE A 137 -12.55 16.54 24.83
CA PHE A 137 -13.79 16.39 24.09
C PHE A 137 -15.01 16.59 24.99
N ARG A 138 -15.96 17.40 24.50
CA ARG A 138 -17.29 17.48 25.08
C ARG A 138 -18.02 16.17 24.84
N ALA A 139 -18.93 15.81 25.75
CA ALA A 139 -19.70 14.57 25.66
C ALA A 139 -20.46 14.47 24.34
N ASP A 140 -20.87 15.61 23.75
CA ASP A 140 -21.70 15.57 22.55
C ASP A 140 -20.83 15.46 21.29
N GLU A 141 -19.51 15.33 21.46
CA GLU A 141 -18.58 15.11 20.37
C GLU A 141 -18.24 13.63 20.24
N LEU A 142 -18.54 12.83 21.27
CA LEU A 142 -18.40 11.39 21.22
C LEU A 142 -19.66 10.77 20.64
N LEU A 143 -19.52 9.99 19.55
CA LEU A 143 -20.68 9.50 18.82
C LEU A 143 -20.91 8.01 19.10
N CYS A 144 -22.15 7.64 19.44
CA CYS A 144 -22.61 6.28 19.26
C CYS A 144 -23.04 6.13 17.81
N TRP A 145 -22.58 5.07 17.15
CA TRP A 145 -23.19 4.67 15.89
C TRP A 145 -23.24 3.15 15.79
N GLU A 146 -24.27 2.62 15.12
CA GLU A 146 -24.44 1.18 15.00
C GLU A 146 -23.38 0.67 14.02
N ASP A 147 -22.34 0.01 14.57
CA ASP A 147 -21.18 -0.45 13.85
C ASP A 147 -21.50 -1.79 13.16
N SER A 148 -21.69 -1.77 11.84
CA SER A 148 -22.08 -2.98 11.13
C SER A 148 -20.90 -3.95 10.94
N ALA A 149 -19.65 -3.48 11.06
CA ALA A 149 -18.49 -4.35 10.96
C ALA A 149 -18.33 -5.25 12.19
N GLY A 150 -18.90 -4.81 13.33
CA GLY A 150 -18.67 -5.39 14.64
C GLY A 150 -19.10 -6.85 14.78
N HIS A 151 -20.02 -7.34 13.94
CA HIS A 151 -20.39 -8.75 13.94
C HIS A 151 -19.19 -9.62 13.52
N TRP A 152 -18.18 -9.02 12.87
CA TRP A 152 -17.04 -9.74 12.31
C TRP A 152 -15.73 -9.44 13.04
N LEU A 153 -15.83 -8.77 14.20
CA LEU A 153 -14.67 -8.42 15.00
C LEU A 153 -14.77 -9.02 16.41
N TYR A 154 -16.01 -9.18 16.88
CA TYR A 154 -16.37 -9.72 18.19
C TYR A 154 -17.28 -10.94 18.01
N GLU A 155 -17.24 -11.88 18.94
CA GLU A 155 -18.24 -12.93 19.00
C GLU A 155 -19.48 -12.37 19.73
N THR B 4 29.08 12.11 15.34
CA THR B 4 28.31 12.91 14.35
C THR B 4 26.80 12.85 14.66
N GLY B 5 26.35 11.99 15.61
CA GLY B 5 24.98 11.99 16.11
C GLY B 5 23.96 11.66 15.01
N ALA B 6 23.31 12.73 14.52
CA ALA B 6 22.33 12.66 13.46
C ALA B 6 22.99 12.71 12.07
N HIS B 7 24.33 12.82 12.03
CA HIS B 7 25.09 12.69 10.80
C HIS B 7 25.66 11.26 10.63
N GLU B 8 25.37 10.31 11.54
CA GLU B 8 25.76 8.92 11.36
C GLU B 8 25.27 8.40 10.00
N ARG B 9 26.04 7.48 9.41
CA ARG B 9 25.75 6.95 8.10
C ARG B 9 25.86 5.43 8.13
N THR B 10 25.10 4.72 7.29
CA THR B 10 25.25 3.29 7.14
C THR B 10 25.25 2.97 5.65
N PHE B 11 25.83 1.82 5.32
CA PHE B 11 25.85 1.37 3.95
C PHE B 11 24.79 0.29 3.84
N LEU B 12 23.93 0.39 2.82
CA LEU B 12 22.98 -0.65 2.47
C LEU B 12 23.20 -1.07 1.03
N ALA B 13 22.97 -2.36 0.79
CA ALA B 13 23.00 -2.89 -0.56
C ALA B 13 21.83 -3.81 -0.77
N VAL B 14 20.99 -3.49 -1.75
CA VAL B 14 20.03 -4.45 -2.24
C VAL B 14 20.82 -5.50 -3.01
N LYS B 15 20.71 -6.76 -2.61
CA LYS B 15 21.39 -7.83 -3.30
C LYS B 15 20.65 -8.16 -4.59
N PRO B 16 21.24 -8.98 -5.49
CA PRO B 16 20.65 -9.23 -6.81
C PRO B 16 19.25 -9.81 -6.76
N ASP B 17 18.95 -10.58 -5.70
CA ASP B 17 17.61 -11.14 -5.55
C ASP B 17 16.61 -9.99 -5.39
N GLY B 18 17.01 -8.98 -4.62
CA GLY B 18 16.18 -7.81 -4.44
C GLY B 18 15.88 -7.14 -5.78
N VAL B 19 16.89 -7.05 -6.63
CA VAL B 19 16.69 -6.34 -7.87
C VAL B 19 15.77 -7.16 -8.76
N GLN B 20 16.04 -8.47 -8.79
CA GLN B 20 15.36 -9.42 -9.66
C GLN B 20 13.89 -9.54 -9.31
N ARG B 21 13.63 -9.64 -8.02
CA ARG B 21 12.28 -9.68 -7.49
C ARG B 21 11.61 -8.30 -7.46
N ARG B 22 12.25 -7.29 -8.00
CA ARG B 22 11.64 -5.97 -8.06
C ARG B 22 11.29 -5.41 -6.68
N LEU B 23 12.19 -5.40 -5.72
CA LEU B 23 11.86 -4.84 -4.43
C LEU B 23 12.74 -3.64 -4.06
N VAL B 24 13.38 -3.03 -5.05
CA VAL B 24 14.28 -1.92 -4.76
C VAL B 24 13.47 -0.76 -4.20
N GLY B 25 12.45 -0.34 -4.97
CA GLY B 25 11.54 0.72 -4.56
C GLY B 25 10.99 0.47 -3.16
N GLU B 26 10.50 -0.73 -2.93
CA GLU B 26 9.90 -1.10 -1.67
C GLU B 26 10.88 -0.86 -0.54
N ILE B 27 12.12 -1.29 -0.74
CA ILE B 27 13.13 -1.15 0.31
C ILE B 27 13.46 0.32 0.51
N VAL B 28 13.73 1.03 -0.59
CA VAL B 28 14.02 2.45 -0.48
C VAL B 28 12.91 3.11 0.33
N ARG B 29 11.66 2.83 -0.04
CA ARG B 29 10.51 3.49 0.54
C ARG B 29 10.48 3.29 2.04
N ARG B 30 10.87 2.12 2.51
CA ARG B 30 10.85 1.93 3.95
C ARG B 30 11.82 2.87 4.64
N PHE B 31 13.00 3.06 4.05
CA PHE B 31 13.97 3.95 4.66
C PHE B 31 13.49 5.40 4.58
N GLU B 32 12.94 5.79 3.41
CA GLU B 32 12.43 7.14 3.27
C GLU B 32 11.42 7.46 4.38
N ARG B 33 10.42 6.59 4.53
CA ARG B 33 9.26 6.87 5.37
C ARG B 33 9.65 6.81 6.84
N LYS B 34 10.76 6.14 7.14
CA LYS B 34 11.27 6.11 8.49
C LYS B 34 11.87 7.47 8.83
N GLY B 35 12.33 8.16 7.79
CA GLY B 35 12.80 9.53 7.93
C GLY B 35 14.29 9.69 7.67
N PHE B 36 15.02 8.60 7.43
CA PHE B 36 16.45 8.72 7.14
C PHE B 36 16.66 9.43 5.81
N LYS B 37 17.86 9.99 5.65
CA LYS B 37 18.22 10.86 4.55
C LYS B 37 19.12 10.08 3.58
N LEU B 38 18.69 9.97 2.33
CA LEU B 38 19.46 9.27 1.32
C LEU B 38 20.57 10.18 0.84
N VAL B 39 21.84 9.75 1.01
CA VAL B 39 22.97 10.59 0.66
C VAL B 39 23.82 9.98 -0.45
N ALA B 40 23.60 8.69 -0.80
CA ALA B 40 24.25 8.11 -1.95
C ALA B 40 23.48 6.89 -2.44
N LEU B 41 23.50 6.72 -3.78
CA LEU B 41 22.73 5.69 -4.44
C LEU B 41 23.32 5.39 -5.83
N LYS B 42 23.69 4.12 -6.05
CA LYS B 42 23.93 3.67 -7.42
C LYS B 42 23.59 2.20 -7.60
N LEU B 43 23.26 1.88 -8.86
CA LEU B 43 23.16 0.51 -9.33
C LEU B 43 24.49 0.12 -9.92
N VAL B 44 25.15 -0.87 -9.34
CA VAL B 44 26.43 -1.33 -9.84
C VAL B 44 26.47 -2.84 -9.94
N GLN B 45 27.40 -3.28 -10.79
CA GLN B 45 27.81 -4.67 -10.87
C GLN B 45 29.10 -4.79 -10.08
N ALA B 46 29.08 -5.39 -8.90
CA ALA B 46 30.28 -5.37 -8.05
C ALA B 46 31.28 -6.37 -8.59
N SER B 47 32.58 -5.98 -8.56
CA SER B 47 33.67 -6.84 -8.95
C SER B 47 33.94 -7.86 -7.85
N GLU B 48 34.55 -8.99 -8.20
CA GLU B 48 34.88 -9.99 -7.21
C GLU B 48 35.95 -9.43 -6.25
N GLU B 49 36.83 -8.57 -6.78
CA GLU B 49 37.91 -7.98 -6.00
C GLU B 49 37.32 -7.15 -4.86
N LEU B 50 36.36 -6.28 -5.19
CA LEU B 50 35.68 -5.44 -4.21
C LEU B 50 34.97 -6.30 -3.16
N LEU B 51 34.27 -7.33 -3.62
CA LEU B 51 33.42 -8.14 -2.76
C LEU B 51 34.26 -8.99 -1.80
N ARG B 52 35.46 -9.39 -2.22
CA ARG B 52 36.38 -10.09 -1.35
C ARG B 52 36.83 -9.19 -0.21
N GLU B 53 36.95 -7.89 -0.48
CA GLU B 53 37.30 -6.91 0.53
C GLU B 53 36.08 -6.60 1.39
N HIS B 54 34.91 -6.43 0.75
CA HIS B 54 33.67 -6.23 1.47
C HIS B 54 33.50 -7.32 2.51
N TYR B 55 33.71 -8.59 2.12
CA TYR B 55 33.39 -9.74 2.96
C TYR B 55 34.66 -10.32 3.58
N ALA B 56 35.67 -9.45 3.78
CA ALA B 56 36.98 -9.86 4.26
C ALA B 56 36.91 -10.50 5.64
N GLU B 57 35.97 -10.07 6.49
CA GLU B 57 35.80 -10.62 7.83
C GLU B 57 35.40 -12.10 7.74
N LEU B 58 34.79 -12.51 6.62
CA LEU B 58 34.22 -13.85 6.47
C LEU B 58 35.10 -14.76 5.59
N ARG B 59 36.42 -14.51 5.50
CA ARG B 59 37.26 -15.14 4.49
C ARG B 59 37.64 -16.58 4.79
N GLU B 60 37.56 -17.04 6.05
CA GLU B 60 37.89 -18.43 6.37
C GLU B 60 36.62 -19.27 6.54
N ARG B 61 35.43 -18.66 6.51
CA ARG B 61 34.17 -19.39 6.64
C ARG B 61 33.94 -20.17 5.34
N PRO B 62 33.20 -21.30 5.37
CA PRO B 62 33.00 -22.13 4.17
C PRO B 62 32.11 -21.52 3.08
N PHE B 63 31.29 -20.52 3.42
CA PHE B 63 30.32 -19.96 2.51
C PHE B 63 30.90 -18.81 1.69
N TYR B 64 32.15 -18.41 1.98
CA TYR B 64 32.76 -17.18 1.47
C TYR B 64 32.90 -17.17 -0.06
N GLY B 65 33.37 -18.27 -0.63
CA GLY B 65 33.47 -18.36 -2.08
C GLY B 65 32.13 -18.12 -2.76
N ARG B 66 31.06 -18.78 -2.26
CA ARG B 66 29.76 -18.81 -2.92
C ARG B 66 29.09 -17.45 -2.75
N LEU B 67 29.28 -16.84 -1.56
CA LEU B 67 28.77 -15.52 -1.21
C LEU B 67 29.32 -14.45 -2.14
N VAL B 68 30.62 -14.53 -2.42
CA VAL B 68 31.28 -13.58 -3.31
C VAL B 68 30.82 -13.82 -4.74
N LYS B 69 30.81 -15.08 -5.20
CA LYS B 69 30.40 -15.39 -6.57
C LYS B 69 28.94 -14.97 -6.75
N TYR B 70 28.13 -15.03 -5.67
CA TYR B 70 26.72 -14.67 -5.73
C TYR B 70 26.59 -13.15 -5.95
N MET B 71 27.18 -12.37 -5.04
CA MET B 71 26.99 -10.92 -4.99
C MET B 71 27.53 -10.22 -6.24
N ALA B 72 28.42 -10.93 -6.94
CA ALA B 72 28.92 -10.49 -8.23
C ALA B 72 28.07 -11.07 -9.36
N SER B 73 27.13 -11.96 -9.04
CA SER B 73 26.32 -12.65 -10.05
C SER B 73 25.40 -11.66 -10.78
N GLY B 74 25.04 -10.55 -10.12
CA GLY B 74 24.11 -9.61 -10.70
C GLY B 74 24.33 -8.18 -10.23
N PRO B 75 23.40 -7.28 -10.60
CA PRO B 75 23.45 -5.88 -10.20
C PRO B 75 22.97 -5.84 -8.76
N VAL B 76 23.64 -4.99 -7.97
CA VAL B 76 23.18 -4.60 -6.66
C VAL B 76 22.85 -3.11 -6.69
N VAL B 77 22.05 -2.67 -5.72
CA VAL B 77 21.82 -1.25 -5.52
C VAL B 77 22.52 -0.86 -4.23
N ALA B 78 23.57 -0.06 -4.37
CA ALA B 78 24.36 0.41 -3.25
C ALA B 78 23.81 1.75 -2.77
N MET B 79 23.86 1.98 -1.46
CA MET B 79 23.10 3.06 -0.82
C MET B 79 23.81 3.52 0.45
N VAL B 80 23.70 4.83 0.71
CA VAL B 80 24.10 5.37 2.01
C VAL B 80 22.95 6.20 2.58
N TRP B 81 22.67 5.91 3.86
CA TRP B 81 21.58 6.50 4.60
C TRP B 81 22.13 7.20 5.84
N GLN B 82 21.60 8.39 6.11
CA GLN B 82 22.09 9.22 7.18
C GLN B 82 20.97 9.50 8.17
N GLY B 83 21.29 9.40 9.45
CA GLY B 83 20.41 9.85 10.51
C GLY B 83 20.85 9.30 11.86
N LEU B 84 20.10 9.66 12.91
CA LEU B 84 20.46 9.25 14.25
C LEU B 84 20.32 7.73 14.35
N ASP B 85 21.37 7.11 14.80
CA ASP B 85 21.34 5.70 15.15
C ASP B 85 20.99 4.85 13.91
N VAL B 86 21.31 5.36 12.72
CA VAL B 86 20.85 4.79 11.48
C VAL B 86 21.39 3.37 11.27
N VAL B 87 22.61 3.09 11.74
CA VAL B 87 23.20 1.78 11.56
C VAL B 87 22.36 0.74 12.28
N ARG B 88 22.16 0.95 13.59
CA ARG B 88 21.44 0.02 14.45
C ARG B 88 20.00 -0.10 13.96
N THR B 89 19.37 1.04 13.60
CA THR B 89 17.97 1.02 13.25
C THR B 89 17.79 0.31 11.91
N SER B 90 18.76 0.48 10.99
CA SER B 90 18.71 -0.21 9.71
C SER B 90 18.74 -1.72 9.93
N ARG B 91 19.63 -2.17 10.82
CA ARG B 91 19.76 -3.58 11.14
C ARG B 91 18.37 -4.09 11.52
N ALA B 92 17.64 -3.26 12.26
CA ALA B 92 16.35 -3.63 12.83
C ALA B 92 15.26 -3.69 11.76
N LEU B 93 15.25 -2.68 10.86
CA LEU B 93 14.24 -2.62 9.82
C LEU B 93 14.40 -3.82 8.88
N ILE B 94 15.65 -4.22 8.71
CA ILE B 94 16.02 -5.26 7.79
C ILE B 94 15.62 -6.61 8.38
N GLY B 95 15.96 -6.79 9.66
CA GLY B 95 15.66 -8.01 10.37
C GLY B 95 16.88 -8.94 10.48
N ALA B 96 16.71 -10.00 11.29
CA ALA B 96 17.73 -11.02 11.49
C ALA B 96 18.29 -11.51 10.16
N THR B 97 19.53 -12.01 10.21
CA THR B 97 20.25 -12.43 9.02
C THR B 97 19.54 -13.63 8.41
N ASN B 98 19.19 -14.59 9.25
CA ASN B 98 18.36 -15.69 8.81
C ASN B 98 16.90 -15.22 8.84
N PRO B 99 16.20 -15.07 7.70
CA PRO B 99 14.80 -14.63 7.70
C PRO B 99 13.84 -15.47 8.52
N ALA B 100 14.17 -16.74 8.73
CA ALA B 100 13.36 -17.57 9.59
C ALA B 100 13.26 -16.95 10.97
N ASP B 101 14.25 -16.12 11.37
CA ASP B 101 14.23 -15.48 12.68
C ASP B 101 13.79 -14.01 12.58
N ALA B 102 13.32 -13.57 11.41
CA ALA B 102 13.01 -12.15 11.21
C ALA B 102 11.51 -11.95 11.32
N PRO B 103 11.03 -11.23 12.35
CA PRO B 103 9.60 -11.12 12.59
C PRO B 103 8.94 -10.29 11.50
N PRO B 104 7.66 -10.58 11.18
CA PRO B 104 6.95 -9.87 10.12
C PRO B 104 6.99 -8.39 10.48
N GLY B 105 6.97 -7.55 9.45
CA GLY B 105 7.19 -6.14 9.68
C GLY B 105 8.59 -5.72 9.26
N THR B 106 9.59 -6.60 9.46
CA THR B 106 10.93 -6.37 8.94
C THR B 106 10.99 -6.77 7.47
N ILE B 107 12.02 -6.30 6.77
CA ILE B 107 12.08 -6.53 5.33
C ILE B 107 12.23 -8.02 5.08
N ARG B 108 13.10 -8.68 5.84
CA ARG B 108 13.34 -10.09 5.61
C ARG B 108 12.14 -10.90 6.07
N GLY B 109 11.56 -10.48 7.21
CA GLY B 109 10.36 -11.10 7.73
C GLY B 109 9.20 -11.11 6.72
N ASP B 110 9.18 -10.09 5.85
CA ASP B 110 8.05 -9.87 4.96
C ASP B 110 8.30 -10.53 3.61
N PHE B 111 9.58 -10.60 3.19
CA PHE B 111 9.89 -10.86 1.78
C PHE B 111 10.77 -12.08 1.53
N CYS B 112 11.40 -12.66 2.56
CA CYS B 112 12.45 -13.62 2.32
C CYS B 112 12.21 -14.91 3.09
N ILE B 113 12.75 -16.01 2.53
CA ILE B 113 12.60 -17.29 3.19
C ILE B 113 13.94 -17.79 3.73
N GLU B 114 15.02 -17.69 2.95
CA GLU B 114 16.26 -18.40 3.25
C GLU B 114 17.43 -17.42 3.31
N VAL B 115 18.45 -17.80 4.08
CA VAL B 115 19.53 -16.90 4.47
C VAL B 115 20.40 -16.48 3.27
N GLY B 116 20.56 -17.36 2.28
CA GLY B 116 21.35 -17.04 1.10
C GLY B 116 20.65 -16.04 0.19
N LYS B 117 19.31 -15.96 0.29
CA LYS B 117 18.55 -15.05 -0.54
C LYS B 117 17.69 -14.14 0.36
N ASN B 118 18.41 -13.27 1.08
CA ASN B 118 17.84 -12.39 2.09
C ASN B 118 17.96 -10.92 1.68
N LEU B 119 18.09 -10.66 0.37
CA LEU B 119 17.58 -9.43 -0.24
C LEU B 119 18.49 -8.21 -0.05
N ILE B 120 19.15 -8.06 1.11
CA ILE B 120 19.80 -6.79 1.40
C ILE B 120 20.93 -6.98 2.41
N HIS B 121 21.98 -6.16 2.30
CA HIS B 121 23.03 -6.07 3.31
C HIS B 121 22.93 -4.73 4.00
N GLY B 122 23.14 -4.70 5.33
CA GLY B 122 23.34 -3.46 6.05
C GLY B 122 24.60 -3.51 6.92
N SER B 123 25.32 -2.39 7.01
CA SER B 123 26.50 -2.36 7.87
C SER B 123 26.05 -2.74 9.28
N ASP B 124 26.92 -3.49 9.96
CA ASP B 124 26.63 -4.02 11.28
C ASP B 124 27.24 -3.15 12.39
N SER B 125 28.00 -2.13 12.04
CA SER B 125 28.55 -1.21 13.02
C SER B 125 28.96 0.09 12.36
N VAL B 126 29.17 1.12 13.18
CA VAL B 126 29.55 2.41 12.64
C VAL B 126 30.90 2.24 11.95
N GLU B 127 31.76 1.43 12.56
CA GLU B 127 33.05 1.11 11.98
C GLU B 127 32.87 0.50 10.60
N SER B 128 32.06 -0.57 10.51
CA SER B 128 31.84 -1.27 9.26
C SER B 128 31.31 -0.32 8.19
N ALA B 129 30.46 0.63 8.63
CA ALA B 129 29.84 1.54 7.69
C ALA B 129 30.91 2.45 7.10
N ARG B 130 31.82 2.97 7.95
CA ARG B 130 32.86 3.85 7.46
C ARG B 130 33.64 3.16 6.36
N ARG B 131 34.05 1.90 6.64
CA ARG B 131 34.84 1.12 5.70
C ARG B 131 34.02 0.83 4.45
N GLU B 132 32.76 0.42 4.63
CA GLU B 132 31.97 -0.05 3.50
C GLU B 132 31.67 1.16 2.60
N ILE B 133 31.50 2.33 3.22
CA ILE B 133 31.11 3.50 2.45
C ILE B 133 32.29 3.92 1.59
N ALA B 134 33.49 3.86 2.16
CA ALA B 134 34.69 4.25 1.44
C ALA B 134 35.02 3.23 0.34
N LEU B 135 34.73 1.96 0.60
CA LEU B 135 35.00 0.90 -0.36
C LEU B 135 34.12 1.03 -1.59
N TRP B 136 32.83 1.37 -1.37
CA TRP B 136 31.85 1.32 -2.43
C TRP B 136 31.63 2.67 -3.10
N PHE B 137 32.01 3.77 -2.43
CA PHE B 137 31.67 5.10 -2.90
C PHE B 137 32.85 6.08 -2.78
N ARG B 138 33.09 6.85 -3.85
CA ARG B 138 33.95 8.00 -3.80
C ARG B 138 33.27 9.08 -2.94
N ALA B 139 34.09 9.91 -2.28
CA ALA B 139 33.62 11.01 -1.45
C ALA B 139 32.67 11.94 -2.21
N ASP B 140 32.85 12.09 -3.54
CA ASP B 140 32.05 13.05 -4.29
C ASP B 140 30.73 12.44 -4.74
N GLU B 141 30.46 11.19 -4.32
CA GLU B 141 29.19 10.51 -4.57
C GLU B 141 28.25 10.67 -3.38
N LEU B 142 28.81 11.02 -2.21
CA LEU B 142 28.00 11.28 -1.02
C LEU B 142 27.58 12.75 -1.01
N LEU B 143 26.27 13.02 -0.94
CA LEU B 143 25.77 14.37 -1.08
C LEU B 143 25.30 14.93 0.26
N CYS B 144 25.73 16.16 0.57
CA CYS B 144 24.98 17.03 1.45
C CYS B 144 23.80 17.62 0.70
N TRP B 145 22.62 17.59 1.31
CA TRP B 145 21.54 18.45 0.85
C TRP B 145 20.74 18.96 2.05
N GLU B 146 20.22 20.18 1.97
CA GLU B 146 19.50 20.78 3.09
C GLU B 146 18.15 20.08 3.22
N ASP B 147 18.03 19.19 4.22
CA ASP B 147 16.88 18.33 4.42
C ASP B 147 15.78 19.10 5.16
N SER B 148 14.73 19.50 4.43
CA SER B 148 13.69 20.33 5.04
C SER B 148 12.73 19.49 5.91
N ALA B 149 12.71 18.16 5.75
CA ALA B 149 11.89 17.30 6.61
C ALA B 149 12.45 17.19 8.03
N GLY B 150 13.78 17.43 8.17
CA GLY B 150 14.53 17.17 9.40
C GLY B 150 14.04 17.92 10.64
N HIS B 151 13.36 19.07 10.46
CA HIS B 151 12.79 19.77 11.60
C HIS B 151 11.68 18.95 12.26
N TRP B 152 11.14 17.94 11.56
CA TRP B 152 10.01 17.14 12.02
C TRP B 152 10.40 15.70 12.35
N LEU B 153 11.72 15.42 12.38
CA LEU B 153 12.24 14.09 12.71
C LEU B 153 13.14 14.12 13.94
N TYR B 154 13.81 15.27 14.15
CA TYR B 154 14.71 15.55 15.25
C TYR B 154 14.23 16.78 16.03
N GLU B 155 14.61 16.94 17.29
CA GLU B 155 14.49 18.24 17.94
C GLU B 155 15.73 19.05 17.55
N THR C 4 10.80 -33.27 2.83
CA THR C 4 10.58 -32.60 1.51
C THR C 4 11.22 -31.20 1.52
N GLY C 5 11.68 -30.68 2.67
CA GLY C 5 12.47 -29.45 2.74
C GLY C 5 11.69 -28.22 2.25
N ALA C 6 11.98 -27.84 1.00
CA ALA C 6 11.36 -26.72 0.30
C ALA C 6 10.06 -27.14 -0.37
N HIS C 7 9.71 -28.43 -0.26
CA HIS C 7 8.44 -28.96 -0.75
C HIS C 7 7.43 -29.08 0.39
N GLU C 8 7.79 -28.69 1.64
CA GLU C 8 6.85 -28.66 2.76
C GLU C 8 5.59 -27.86 2.36
N ARG C 9 4.45 -28.28 2.92
CA ARG C 9 3.18 -27.67 2.59
C ARG C 9 2.41 -27.40 3.88
N THR C 10 1.60 -26.35 3.89
CA THR C 10 0.71 -26.08 5.01
C THR C 10 -0.67 -25.77 4.45
N PHE C 11 -1.67 -25.98 5.31
CA PHE C 11 -3.04 -25.66 4.95
C PHE C 11 -3.37 -24.34 5.62
N LEU C 12 -3.93 -23.41 4.83
CA LEU C 12 -4.46 -22.15 5.35
C LEU C 12 -5.91 -22.03 4.95
N ALA C 13 -6.68 -21.42 5.85
CA ALA C 13 -8.07 -21.13 5.57
C ALA C 13 -8.38 -19.71 6.04
N VAL C 14 -8.80 -18.86 5.10
CA VAL C 14 -9.43 -17.62 5.48
C VAL C 14 -10.79 -17.98 6.05
N LYS C 15 -11.05 -17.60 7.30
CA LYS C 15 -12.33 -17.85 7.92
C LYS C 15 -13.35 -16.86 7.37
N PRO C 16 -14.66 -17.06 7.65
CA PRO C 16 -15.71 -16.22 7.06
C PRO C 16 -15.56 -14.74 7.33
N ASP C 17 -14.96 -14.39 8.48
CA ASP C 17 -14.75 -12.99 8.82
C ASP C 17 -13.79 -12.39 7.80
N GLY C 18 -12.76 -13.16 7.45
CA GLY C 18 -11.83 -12.71 6.44
C GLY C 18 -12.55 -12.42 5.11
N VAL C 19 -13.50 -13.28 4.75
CA VAL C 19 -14.13 -13.10 3.46
C VAL C 19 -15.03 -11.87 3.53
N GLN C 20 -15.76 -11.77 4.64
CA GLN C 20 -16.76 -10.74 4.87
C GLN C 20 -16.14 -9.36 4.92
N ARG C 21 -15.04 -9.27 5.66
CA ARG C 21 -14.28 -8.05 5.76
C ARG C 21 -13.40 -7.79 4.54
N ARG C 22 -13.51 -8.61 3.49
CA ARG C 22 -12.75 -8.38 2.29
C ARG C 22 -11.24 -8.37 2.52
N LEU C 23 -10.69 -9.38 3.17
CA LEU C 23 -9.24 -9.39 3.36
C LEU C 23 -8.59 -10.60 2.69
N VAL C 24 -9.28 -11.24 1.75
CA VAL C 24 -8.74 -12.44 1.13
C VAL C 24 -7.49 -12.07 0.35
N GLY C 25 -7.65 -11.11 -0.58
CA GLY C 25 -6.55 -10.61 -1.37
C GLY C 25 -5.36 -10.22 -0.50
N GLU C 26 -5.65 -9.42 0.53
CA GLU C 26 -4.64 -8.93 1.43
C GLU C 26 -3.83 -10.09 2.00
N ILE C 27 -4.52 -11.12 2.46
CA ILE C 27 -3.87 -12.27 3.09
C ILE C 27 -3.05 -13.01 2.06
N VAL C 28 -3.68 -13.32 0.92
CA VAL C 28 -2.97 -14.01 -0.13
C VAL C 28 -1.68 -13.26 -0.42
N ARG C 29 -1.80 -11.95 -0.61
CA ARG C 29 -0.68 -11.13 -1.02
C ARG C 29 0.47 -11.25 -0.04
N ARG C 30 0.19 -11.36 1.25
CA ARG C 30 1.30 -11.48 2.17
C ARG C 30 2.07 -12.76 1.93
N PHE C 31 1.35 -13.87 1.66
CA PHE C 31 2.02 -15.13 1.42
C PHE C 31 2.80 -15.06 0.10
N GLU C 32 2.19 -14.48 -0.94
CA GLU C 32 2.85 -14.35 -2.23
C GLU C 32 4.19 -13.64 -2.05
N ARG C 33 4.17 -12.47 -1.42
CA ARG C 33 5.30 -11.58 -1.42
C ARG C 33 6.39 -12.13 -0.49
N LYS C 34 6.01 -13.02 0.42
CA LYS C 34 6.98 -13.69 1.26
C LYS C 34 7.76 -14.69 0.43
N GLY C 35 7.12 -15.18 -0.64
CA GLY C 35 7.79 -16.03 -1.60
C GLY C 35 7.25 -17.45 -1.64
N PHE C 36 6.33 -17.81 -0.76
CA PHE C 36 5.75 -19.15 -0.81
C PHE C 36 4.94 -19.33 -2.09
N LYS C 37 4.76 -20.61 -2.45
CA LYS C 37 4.17 -21.02 -3.71
C LYS C 37 2.75 -21.53 -3.46
N LEU C 38 1.78 -20.89 -4.13
CA LEU C 38 0.40 -21.29 -3.98
C LEU C 38 0.16 -22.54 -4.82
N VAL C 39 -0.25 -23.65 -4.17
CA VAL C 39 -0.42 -24.91 -4.88
C VAL C 39 -1.87 -25.40 -4.84
N ALA C 40 -2.73 -24.79 -4.03
CA ALA C 40 -4.15 -25.10 -4.04
C ALA C 40 -4.97 -23.97 -3.43
N LEU C 41 -6.16 -23.78 -4.01
CA LEU C 41 -7.01 -22.66 -3.67
C LEU C 41 -8.46 -22.95 -4.08
N LYS C 42 -9.37 -22.95 -3.10
CA LYS C 42 -10.78 -22.86 -3.42
C LYS C 42 -11.56 -22.09 -2.36
N LEU C 43 -12.65 -21.47 -2.85
CA LEU C 43 -13.69 -20.91 -2.01
C LEU C 43 -14.75 -21.98 -1.79
N VAL C 44 -14.94 -22.40 -0.54
CA VAL C 44 -15.92 -23.41 -0.24
C VAL C 44 -16.77 -23.00 0.96
N GLN C 45 -17.94 -23.64 1.02
CA GLN C 45 -18.80 -23.62 2.18
C GLN C 45 -18.55 -24.91 2.94
N ALA C 46 -17.85 -24.86 4.08
CA ALA C 46 -17.47 -26.10 4.75
C ALA C 46 -18.68 -26.75 5.44
N SER C 47 -18.78 -28.08 5.33
CA SER C 47 -19.84 -28.84 5.99
C SER C 47 -19.51 -29.01 7.47
N GLU C 48 -20.53 -29.22 8.31
CA GLU C 48 -20.29 -29.43 9.73
C GLU C 48 -19.55 -30.74 9.94
N GLU C 49 -19.80 -31.74 9.06
CA GLU C 49 -19.18 -33.05 9.18
C GLU C 49 -17.67 -32.90 9.02
N LEU C 50 -17.24 -32.19 7.97
CA LEU C 50 -15.83 -31.95 7.71
C LEU C 50 -15.20 -31.20 8.87
N LEU C 51 -15.88 -30.14 9.35
CA LEU C 51 -15.32 -29.24 10.35
C LEU C 51 -15.17 -29.94 11.70
N ARG C 52 -16.05 -30.89 12.01
CA ARG C 52 -15.94 -31.69 13.22
C ARG C 52 -14.66 -32.53 13.17
N GLU C 53 -14.29 -33.00 11.97
CA GLU C 53 -13.07 -33.76 11.79
C GLU C 53 -11.87 -32.81 11.79
N HIS C 54 -12.00 -31.66 11.09
CA HIS C 54 -10.95 -30.67 11.08
C HIS C 54 -10.57 -30.32 12.52
N TYR C 55 -11.58 -30.06 13.38
CA TYR C 55 -11.33 -29.53 14.72
C TYR C 55 -11.45 -30.66 15.75
N ALA C 56 -11.17 -31.90 15.34
CA ALA C 56 -11.34 -33.08 16.19
C ALA C 56 -10.43 -33.02 17.42
N GLU C 57 -9.24 -32.42 17.29
CA GLU C 57 -8.30 -32.28 18.39
C GLU C 57 -8.89 -31.37 19.48
N LEU C 58 -9.85 -30.49 19.12
CA LEU C 58 -10.38 -29.49 20.03
C LEU C 58 -11.79 -29.86 20.54
N ARG C 59 -12.15 -31.16 20.59
CA ARG C 59 -13.55 -31.57 20.76
C ARG C 59 -14.03 -31.50 22.21
N GLU C 60 -13.14 -31.42 23.20
CA GLU C 60 -13.55 -31.31 24.60
C GLU C 60 -13.46 -29.86 25.10
N ARG C 61 -12.95 -28.93 24.28
CA ARG C 61 -12.87 -27.53 24.67
C ARG C 61 -14.30 -26.95 24.68
N PRO C 62 -14.60 -25.90 25.49
CA PRO C 62 -15.94 -25.30 25.48
C PRO C 62 -16.31 -24.50 24.22
N PHE C 63 -15.30 -24.10 23.43
CA PHE C 63 -15.53 -23.24 22.26
C PHE C 63 -15.86 -24.07 21.02
N TYR C 64 -15.76 -25.41 21.10
CA TYR C 64 -15.78 -26.31 19.94
C TYR C 64 -17.09 -26.26 19.17
N GLY C 65 -18.22 -26.27 19.88
CA GLY C 65 -19.51 -26.20 19.23
C GLY C 65 -19.64 -24.91 18.41
N ARG C 66 -19.25 -23.78 19.00
CA ARG C 66 -19.49 -22.46 18.43
C ARG C 66 -18.53 -22.26 17.25
N LEU C 67 -17.31 -22.77 17.40
CA LEU C 67 -16.26 -22.73 16.39
C LEU C 67 -16.70 -23.47 15.13
N VAL C 68 -17.32 -24.64 15.30
CA VAL C 68 -17.80 -25.43 14.18
C VAL C 68 -18.99 -24.73 13.54
N LYS C 69 -19.96 -24.29 14.34
CA LYS C 69 -21.15 -23.65 13.82
C LYS C 69 -20.74 -22.37 13.08
N TYR C 70 -19.65 -21.74 13.55
CA TYR C 70 -19.15 -20.51 12.95
C TYR C 70 -18.57 -20.79 11.57
N MET C 71 -17.57 -21.69 11.50
CA MET C 71 -16.79 -21.95 10.29
C MET C 71 -17.66 -22.52 9.16
N ALA C 72 -18.84 -23.04 9.54
CA ALA C 72 -19.86 -23.45 8.59
C ALA C 72 -20.82 -22.31 8.30
N SER C 73 -20.73 -21.20 9.04
CA SER C 73 -21.68 -20.10 8.93
C SER C 73 -21.55 -19.39 7.59
N GLY C 74 -20.35 -19.45 6.99
CA GLY C 74 -20.08 -18.72 5.77
C GLY C 74 -19.07 -19.40 4.86
N PRO C 75 -18.67 -18.70 3.78
CA PRO C 75 -17.66 -19.21 2.87
C PRO C 75 -16.31 -19.03 3.55
N VAL C 76 -15.43 -20.03 3.37
CA VAL C 76 -14.02 -19.91 3.71
C VAL C 76 -13.22 -20.01 2.42
N VAL C 77 -11.98 -19.52 2.46
CA VAL C 77 -11.05 -19.71 1.36
C VAL C 77 -9.98 -20.67 1.83
N ALA C 78 -10.00 -21.88 1.26
CA ALA C 78 -9.04 -22.92 1.62
C ALA C 78 -7.85 -22.83 0.68
N MET C 79 -6.66 -23.15 1.20
CA MET C 79 -5.40 -22.80 0.55
C MET C 79 -4.31 -23.79 0.96
N VAL C 80 -3.41 -24.07 0.00
CA VAL C 80 -2.19 -24.77 0.32
C VAL C 80 -0.99 -23.99 -0.22
N TRP C 81 0.00 -23.82 0.68
CA TRP C 81 1.19 -23.04 0.42
C TRP C 81 2.41 -23.94 0.62
N GLN C 82 3.36 -23.80 -0.30
CA GLN C 82 4.53 -24.65 -0.32
C GLN C 82 5.78 -23.79 -0.20
N GLY C 83 6.71 -24.26 0.63
CA GLY C 83 8.04 -23.69 0.69
C GLY C 83 8.78 -24.12 1.95
N LEU C 84 10.02 -23.66 2.09
CA LEU C 84 10.84 -24.08 3.21
C LEU C 84 10.21 -23.60 4.51
N ASP C 85 9.99 -24.55 5.41
CA ASP C 85 9.59 -24.23 6.76
C ASP C 85 8.26 -23.49 6.76
N VAL C 86 7.43 -23.73 5.75
CA VAL C 86 6.24 -22.94 5.48
C VAL C 86 5.24 -23.03 6.64
N VAL C 87 5.15 -24.18 7.30
CA VAL C 87 4.19 -24.35 8.38
C VAL C 87 4.50 -23.37 9.50
N ARG C 88 5.74 -23.43 10.00
CA ARG C 88 6.19 -22.60 11.11
C ARG C 88 6.15 -21.13 10.72
N THR C 89 6.59 -20.82 9.51
CA THR C 89 6.67 -19.43 9.07
C THR C 89 5.26 -18.86 8.89
N SER C 90 4.32 -19.69 8.42
CA SER C 90 2.93 -19.28 8.29
C SER C 90 2.38 -18.89 9.66
N ARG C 91 2.66 -19.74 10.66
CA ARG C 91 2.19 -19.50 12.02
C ARG C 91 2.65 -18.10 12.42
N ALA C 92 3.87 -17.75 12.00
CA ALA C 92 4.51 -16.50 12.40
C ALA C 92 3.87 -15.30 11.69
N LEU C 93 3.62 -15.43 10.39
CA LEU C 93 3.05 -14.34 9.61
C LEU C 93 1.65 -14.03 10.13
N ILE C 94 0.97 -15.09 10.56
CA ILE C 94 -0.40 -15.03 10.98
C ILE C 94 -0.46 -14.36 12.35
N GLY C 95 0.41 -14.82 13.25
CA GLY C 95 0.48 -14.30 14.60
C GLY C 95 -0.24 -15.21 15.61
N ALA C 96 -0.05 -14.88 16.89
CA ALA C 96 -0.62 -15.63 18.00
C ALA C 96 -2.12 -15.86 17.79
N THR C 97 -2.63 -16.92 18.43
CA THR C 97 -4.02 -17.33 18.26
C THR C 97 -4.94 -16.23 18.79
N ASN C 98 -4.60 -15.76 19.99
CA ASN C 98 -5.29 -14.61 20.52
C ASN C 98 -4.66 -13.35 19.93
N PRO C 99 -5.36 -12.56 19.08
CA PRO C 99 -4.79 -11.35 18.49
C PRO C 99 -4.25 -10.32 19.48
N ALA C 100 -4.79 -10.32 20.70
CA ALA C 100 -4.26 -9.44 21.71
C ALA C 100 -2.78 -9.71 21.91
N ASP C 101 -2.31 -10.94 21.60
CA ASP C 101 -0.90 -11.28 21.77
C ASP C 101 -0.14 -11.25 20.45
N ALA C 102 -0.77 -10.76 19.37
CA ALA C 102 -0.17 -10.81 18.05
C ALA C 102 0.43 -9.45 17.73
N PRO C 103 1.76 -9.34 17.60
CA PRO C 103 2.39 -8.04 17.44
C PRO C 103 2.09 -7.47 16.06
N PRO C 104 2.03 -6.13 15.94
CA PRO C 104 1.72 -5.48 14.67
C PRO C 104 2.73 -5.98 13.66
N GLY C 105 2.31 -6.04 12.40
CA GLY C 105 3.13 -6.66 11.38
C GLY C 105 2.61 -8.05 11.02
N THR C 106 2.07 -8.78 12.01
CA THR C 106 1.38 -10.04 11.75
C THR C 106 -0.05 -9.77 11.29
N ILE C 107 -0.68 -10.77 10.68
CA ILE C 107 -1.99 -10.56 10.09
C ILE C 107 -2.98 -10.26 11.22
N ARG C 108 -2.90 -11.04 12.30
CA ARG C 108 -3.86 -10.85 13.37
C ARG C 108 -3.56 -9.57 14.11
N GLY C 109 -2.26 -9.29 14.30
CA GLY C 109 -1.82 -8.05 14.93
C GLY C 109 -2.34 -6.82 14.21
N ASP C 110 -2.56 -6.94 12.90
CA ASP C 110 -2.87 -5.78 12.09
C ASP C 110 -4.38 -5.64 11.92
N PHE C 111 -5.11 -6.76 11.94
CA PHE C 111 -6.48 -6.78 11.43
C PHE C 111 -7.52 -7.30 12.42
N CYS C 112 -7.12 -7.89 13.55
CA CYS C 112 -8.08 -8.62 14.38
C CYS C 112 -8.05 -8.16 15.82
N ILE C 113 -9.18 -8.31 16.51
CA ILE C 113 -9.25 -7.90 17.89
C ILE C 113 -9.45 -9.10 18.81
N GLU C 114 -10.34 -10.03 18.44
CA GLU C 114 -10.78 -11.07 19.37
C GLU C 114 -10.53 -12.46 18.80
N VAL C 115 -10.33 -13.45 19.68
CA VAL C 115 -9.88 -14.78 19.30
C VAL C 115 -10.91 -15.53 18.44
N GLY C 116 -12.20 -15.27 18.69
CA GLY C 116 -13.27 -15.89 17.90
C GLY C 116 -13.32 -15.37 16.46
N LYS C 117 -12.82 -14.16 16.24
CA LYS C 117 -12.83 -13.55 14.93
C LYS C 117 -11.40 -13.15 14.54
N ASN C 118 -10.58 -14.19 14.32
CA ASN C 118 -9.15 -14.05 14.06
C ASN C 118 -8.79 -14.49 12.64
N LEU C 119 -9.77 -14.46 11.73
CA LEU C 119 -9.53 -14.24 10.31
C LEU C 119 -9.02 -15.48 9.55
N ILE C 120 -8.20 -16.33 10.17
CA ILE C 120 -7.50 -17.31 9.38
C ILE C 120 -7.06 -18.47 10.26
N HIS C 121 -7.01 -19.67 9.67
CA HIS C 121 -6.45 -20.85 10.31
C HIS C 121 -5.18 -21.23 9.54
N GLY C 122 -4.15 -21.63 10.29
CA GLY C 122 -2.98 -22.26 9.69
C GLY C 122 -2.63 -23.56 10.40
N SER C 123 -2.19 -24.57 9.64
CA SER C 123 -1.78 -25.82 10.26
C SER C 123 -0.71 -25.49 11.28
N ASP C 124 -0.79 -26.20 12.41
CA ASP C 124 0.08 -25.96 13.54
C ASP C 124 1.27 -26.93 13.55
N SER C 125 1.30 -27.90 12.63
CA SER C 125 2.45 -28.78 12.51
C SER C 125 2.43 -29.44 11.14
N VAL C 126 3.57 -30.03 10.79
CA VAL C 126 3.69 -30.68 9.50
C VAL C 126 2.68 -31.81 9.46
N GLU C 127 2.55 -32.51 10.59
CA GLU C 127 1.58 -33.58 10.73
C GLU C 127 0.18 -33.04 10.44
N SER C 128 -0.21 -31.97 11.14
CA SER C 128 -1.55 -31.41 10.98
C SER C 128 -1.79 -31.00 9.53
N ALA C 129 -0.75 -30.51 8.87
CA ALA C 129 -0.89 -30.05 7.50
C ALA C 129 -1.20 -31.23 6.59
N ARG C 130 -0.49 -32.35 6.78
CA ARG C 130 -0.72 -33.52 5.97
C ARG C 130 -2.20 -33.92 6.05
N ARG C 131 -2.70 -34.01 7.28
CA ARG C 131 -4.07 -34.42 7.53
C ARG C 131 -5.04 -33.38 6.96
N GLU C 132 -4.76 -32.10 7.21
CA GLU C 132 -5.71 -31.06 6.85
C GLU C 132 -5.77 -30.97 5.32
N ILE C 133 -4.64 -31.21 4.66
CA ILE C 133 -4.58 -31.05 3.23
C ILE C 133 -5.39 -32.16 2.58
N ALA C 134 -5.28 -33.37 3.13
CA ALA C 134 -6.00 -34.51 2.60
C ALA C 134 -7.50 -34.38 2.89
N LEU C 135 -7.84 -33.79 4.04
CA LEU C 135 -9.23 -33.65 4.44
C LEU C 135 -9.95 -32.67 3.54
N TRP C 136 -9.27 -31.57 3.18
CA TRP C 136 -9.92 -30.47 2.49
C TRP C 136 -9.74 -30.54 0.97
N PHE C 137 -8.73 -31.28 0.48
CA PHE C 137 -8.37 -31.23 -0.93
C PHE C 137 -8.10 -32.62 -1.50
N ARG C 138 -8.69 -32.87 -2.68
CA ARG C 138 -8.33 -34.02 -3.49
C ARG C 138 -6.93 -33.80 -4.04
N ALA C 139 -6.19 -34.89 -4.27
CA ALA C 139 -4.83 -34.85 -4.79
C ALA C 139 -4.75 -34.09 -6.11
N ASP C 140 -5.82 -34.12 -6.92
CA ASP C 140 -5.77 -33.50 -8.25
C ASP C 140 -6.09 -32.01 -8.18
N GLU C 141 -6.26 -31.47 -6.96
CA GLU C 141 -6.46 -30.05 -6.74
C GLU C 141 -5.15 -29.37 -6.33
N LEU C 142 -4.15 -30.17 -5.92
CA LEU C 142 -2.82 -29.66 -5.61
C LEU C 142 -1.99 -29.62 -6.89
N LEU C 143 -1.45 -28.45 -7.26
CA LEU C 143 -0.77 -28.30 -8.54
C LEU C 143 0.75 -28.22 -8.36
N CYS C 144 1.49 -29.00 -9.14
CA CYS C 144 2.89 -28.68 -9.41
C CYS C 144 2.94 -27.66 -10.52
N TRP C 145 3.72 -26.60 -10.35
CA TRP C 145 4.04 -25.74 -11.48
C TRP C 145 5.48 -25.24 -11.36
N GLU C 146 6.15 -25.00 -12.50
CA GLU C 146 7.53 -24.55 -12.52
C GLU C 146 7.57 -23.09 -12.05
N ASP C 147 7.98 -22.89 -10.78
CA ASP C 147 8.01 -21.60 -10.12
C ASP C 147 9.26 -20.83 -10.54
N SER C 148 9.10 -19.81 -11.39
CA SER C 148 10.26 -19.12 -11.92
C SER C 148 10.86 -18.14 -10.90
N ALA C 149 10.12 -17.76 -9.84
CA ALA C 149 10.65 -16.89 -8.79
C ALA C 149 11.65 -17.64 -7.90
N GLY C 150 11.52 -18.97 -7.82
CA GLY C 150 12.23 -19.81 -6.85
C GLY C 150 13.76 -19.75 -6.93
N HIS C 151 14.33 -19.38 -8.08
CA HIS C 151 15.78 -19.19 -8.18
C HIS C 151 16.26 -18.04 -7.28
N TRP C 152 15.33 -17.15 -6.88
CA TRP C 152 15.64 -15.94 -6.14
C TRP C 152 15.11 -15.98 -4.70
N LEU C 153 14.66 -17.15 -4.26
CA LEU C 153 14.13 -17.36 -2.91
C LEU C 153 14.93 -18.41 -2.16
N TYR C 154 15.50 -19.37 -2.91
CA TYR C 154 16.32 -20.45 -2.39
C TYR C 154 17.71 -20.35 -3.01
N GLU C 155 18.74 -20.61 -2.21
CA GLU C 155 20.08 -20.81 -2.75
C GLU C 155 20.16 -22.27 -3.19
N THR D 4 -7.46 33.86 -3.93
CA THR D 4 -6.55 33.38 -2.86
C THR D 4 -5.54 32.36 -3.44
N GLY D 5 -5.71 31.92 -4.71
CA GLY D 5 -4.72 31.12 -5.41
C GLY D 5 -4.48 29.77 -4.73
N ALA D 6 -3.35 29.72 -4.00
CA ALA D 6 -2.93 28.54 -3.25
C ALA D 6 -3.57 28.50 -1.86
N HIS D 7 -4.38 29.52 -1.53
CA HIS D 7 -5.17 29.54 -0.31
C HIS D 7 -6.62 29.08 -0.58
N GLU D 8 -6.96 28.70 -1.83
CA GLU D 8 -8.29 28.13 -2.13
C GLU D 8 -8.58 26.96 -1.18
N ARG D 9 -9.87 26.78 -0.87
CA ARG D 9 -10.29 25.76 0.09
C ARG D 9 -11.49 25.04 -0.51
N THR D 10 -11.66 23.76 -0.16
CA THR D 10 -12.84 23.02 -0.55
C THR D 10 -13.31 22.24 0.66
N PHE D 11 -14.60 21.89 0.62
CA PHE D 11 -15.17 21.10 1.68
C PHE D 11 -15.29 19.68 1.17
N LEU D 12 -14.83 18.71 1.98
CA LEU D 12 -15.05 17.29 1.73
C LEU D 12 -15.76 16.67 2.91
N ALA D 13 -16.59 15.68 2.60
CA ALA D 13 -17.25 14.90 3.64
C ALA D 13 -17.21 13.43 3.25
N VAL D 14 -16.60 12.62 4.10
CA VAL D 14 -16.79 11.18 4.00
C VAL D 14 -18.21 10.89 4.43
N LYS D 15 -18.99 10.28 3.55
CA LYS D 15 -20.34 9.90 3.87
C LYS D 15 -20.33 8.67 4.76
N PRO D 16 -21.49 8.29 5.35
CA PRO D 16 -21.52 7.21 6.35
C PRO D 16 -21.02 5.87 5.83
N ASP D 17 -21.16 5.64 4.52
CA ASP D 17 -20.66 4.41 3.93
C ASP D 17 -19.14 4.39 4.05
N GLY D 18 -18.52 5.54 3.81
CA GLY D 18 -17.08 5.66 3.98
C GLY D 18 -16.67 5.31 5.40
N VAL D 19 -17.44 5.75 6.38
CA VAL D 19 -17.01 5.53 7.75
C VAL D 19 -17.17 4.06 8.06
N GLN D 20 -18.32 3.51 7.63
CA GLN D 20 -18.72 2.14 7.94
C GLN D 20 -17.80 1.13 7.30
N ARG D 21 -17.46 1.39 6.04
CA ARG D 21 -16.52 0.59 5.29
C ARG D 21 -15.07 0.89 5.68
N ARG D 22 -14.83 1.71 6.70
CA ARG D 22 -13.49 1.97 7.17
C ARG D 22 -12.58 2.56 6.07
N LEU D 23 -12.99 3.61 5.37
CA LEU D 23 -12.12 4.17 4.36
C LEU D 23 -11.74 5.61 4.67
N VAL D 24 -11.86 6.04 5.93
CA VAL D 24 -11.59 7.42 6.26
C VAL D 24 -10.12 7.71 6.04
N GLY D 25 -9.29 6.92 6.72
CA GLY D 25 -7.84 7.00 6.59
C GLY D 25 -7.42 6.97 5.13
N GLU D 26 -7.94 6.00 4.39
CA GLU D 26 -7.59 5.82 3.00
C GLU D 26 -7.83 7.12 2.21
N ILE D 27 -8.99 7.72 2.44
CA ILE D 27 -9.35 8.92 1.71
C ILE D 27 -8.46 10.08 2.14
N VAL D 28 -8.32 10.26 3.45
CA VAL D 28 -7.46 11.31 3.94
C VAL D 28 -6.09 11.19 3.28
N ARG D 29 -5.55 9.97 3.28
CA ARG D 29 -4.21 9.72 2.81
C ARG D 29 -4.07 10.18 1.36
N ARG D 30 -5.10 9.98 0.56
CA ARG D 30 -4.97 10.40 -0.83
C ARG D 30 -4.79 11.92 -0.91
N PHE D 31 -5.53 12.67 -0.09
CA PHE D 31 -5.41 14.11 -0.13
C PHE D 31 -4.05 14.55 0.42
N GLU D 32 -3.61 13.93 1.52
CA GLU D 32 -2.31 14.25 2.08
C GLU D 32 -1.22 14.12 1.02
N ARG D 33 -1.17 12.96 0.37
CA ARG D 33 -0.06 12.60 -0.49
C ARG D 33 -0.11 13.43 -1.78
N LYS D 34 -1.28 13.97 -2.11
CA LYS D 34 -1.39 14.86 -3.25
C LYS D 34 -0.72 16.19 -2.92
N GLY D 35 -0.69 16.50 -1.62
CA GLY D 35 0.04 17.65 -1.13
C GLY D 35 -0.85 18.73 -0.53
N PHE D 36 -2.17 18.59 -0.63
CA PHE D 36 -3.07 19.57 -0.07
C PHE D 36 -2.94 19.59 1.44
N LYS D 37 -3.34 20.72 2.01
CA LYS D 37 -3.14 21.05 3.43
C LYS D 37 -4.47 20.91 4.16
N LEU D 38 -4.48 20.03 5.17
CA LEU D 38 -5.67 19.79 5.96
C LEU D 38 -5.84 20.94 6.95
N VAL D 39 -6.94 21.68 6.85
CA VAL D 39 -7.14 22.86 7.68
C VAL D 39 -8.35 22.71 8.59
N ALA D 40 -9.19 21.68 8.38
CA ALA D 40 -10.26 21.39 9.33
C ALA D 40 -10.72 19.94 9.17
N LEU D 41 -11.11 19.36 10.32
CA LEU D 41 -11.49 17.95 10.39
C LEU D 41 -12.33 17.69 11.64
N LYS D 42 -13.57 17.22 11.43
CA LYS D 42 -14.33 16.63 12.52
C LYS D 42 -15.22 15.49 12.05
N LEU D 43 -15.44 14.57 12.98
CA LEU D 43 -16.47 13.55 12.89
C LEU D 43 -17.74 14.10 13.53
N VAL D 44 -18.80 14.24 12.74
CA VAL D 44 -20.06 14.72 13.26
C VAL D 44 -21.20 13.83 12.79
N GLN D 45 -22.28 13.92 13.54
CA GLN D 45 -23.58 13.42 13.13
C GLN D 45 -24.35 14.62 12.58
N ALA D 46 -24.51 14.73 11.26
CA ALA D 46 -25.14 15.92 10.70
C ALA D 46 -26.65 15.89 10.98
N SER D 47 -27.20 17.07 11.31
CA SER D 47 -28.64 17.23 11.51
C SER D 47 -29.33 17.31 10.15
N GLU D 48 -30.62 16.96 10.11
CA GLU D 48 -31.37 17.07 8.86
C GLU D 48 -31.50 18.54 8.44
N GLU D 49 -31.53 19.44 9.42
CA GLU D 49 -31.67 20.87 9.19
C GLU D 49 -30.48 21.37 8.39
N LEU D 50 -29.27 21.02 8.85
CA LEU D 50 -28.03 21.40 8.18
C LEU D 50 -28.02 20.83 6.77
N LEU D 51 -28.37 19.53 6.64
CA LEU D 51 -28.23 18.80 5.40
C LEU D 51 -29.21 19.33 4.34
N ARG D 52 -30.38 19.80 4.78
CA ARG D 52 -31.34 20.40 3.86
C ARG D 52 -30.78 21.70 3.28
N GLU D 53 -29.97 22.42 4.08
CA GLU D 53 -29.31 23.63 3.59
C GLU D 53 -28.11 23.24 2.73
N HIS D 54 -27.35 22.24 3.18
CA HIS D 54 -26.23 21.75 2.38
C HIS D 54 -26.71 21.38 0.98
N TYR D 55 -27.85 20.67 0.88
CA TYR D 55 -28.30 20.11 -0.39
C TYR D 55 -29.41 20.98 -0.97
N ALA D 56 -29.43 22.27 -0.61
CA ALA D 56 -30.51 23.18 -0.98
C ALA D 56 -30.62 23.35 -2.49
N GLU D 57 -29.49 23.27 -3.23
CA GLU D 57 -29.49 23.38 -4.67
C GLU D 57 -30.23 22.20 -5.30
N LEU D 58 -30.38 21.08 -4.58
CA LEU D 58 -31.00 19.88 -5.11
C LEU D 58 -32.42 19.64 -4.58
N ARG D 59 -33.15 20.70 -4.18
CA ARG D 59 -34.38 20.54 -3.38
C ARG D 59 -35.60 20.13 -4.24
N GLU D 60 -35.56 20.31 -5.56
CA GLU D 60 -36.65 19.93 -6.45
C GLU D 60 -36.44 18.55 -7.09
N ARG D 61 -35.24 17.96 -6.95
CA ARG D 61 -34.98 16.64 -7.47
C ARG D 61 -35.72 15.63 -6.59
N PRO D 62 -36.14 14.45 -7.12
CA PRO D 62 -36.87 13.47 -6.31
C PRO D 62 -36.03 12.71 -5.28
N PHE D 63 -34.69 12.72 -5.44
CA PHE D 63 -33.80 11.95 -4.58
C PHE D 63 -33.39 12.73 -3.32
N TYR D 64 -33.80 14.02 -3.24
CA TYR D 64 -33.37 14.95 -2.21
C TYR D 64 -33.72 14.49 -0.79
N GLY D 65 -34.94 14.03 -0.59
CA GLY D 65 -35.36 13.57 0.71
C GLY D 65 -34.49 12.41 1.18
N ARG D 66 -34.22 11.45 0.29
CA ARG D 66 -33.56 10.19 0.68
C ARG D 66 -32.09 10.45 0.91
N LEU D 67 -31.53 11.35 0.10
CA LEU D 67 -30.13 11.79 0.21
C LEU D 67 -29.88 12.45 1.57
N VAL D 68 -30.83 13.29 2.01
CA VAL D 68 -30.72 13.96 3.29
C VAL D 68 -30.91 12.95 4.41
N LYS D 69 -31.92 12.08 4.33
CA LYS D 69 -32.21 11.10 5.38
C LYS D 69 -31.01 10.15 5.47
N TYR D 70 -30.30 9.93 4.35
CA TYR D 70 -29.13 9.06 4.32
C TYR D 70 -27.98 9.72 5.11
N MET D 71 -27.58 10.93 4.69
CA MET D 71 -26.40 11.61 5.21
C MET D 71 -26.53 11.91 6.71
N ALA D 72 -27.77 11.91 7.19
CA ALA D 72 -28.07 12.02 8.61
C ALA D 72 -28.15 10.64 9.26
N SER D 73 -28.11 9.56 8.44
CA SER D 73 -28.30 8.22 8.96
C SER D 73 -27.14 7.80 9.84
N GLY D 74 -25.95 8.38 9.62
CA GLY D 74 -24.76 7.99 10.34
C GLY D 74 -23.77 9.14 10.51
N PRO D 75 -22.57 8.81 11.04
CA PRO D 75 -21.52 9.80 11.24
C PRO D 75 -20.90 10.06 9.87
N VAL D 76 -20.59 11.35 9.63
CA VAL D 76 -19.77 11.73 8.50
C VAL D 76 -18.47 12.32 9.04
N VAL D 77 -17.44 12.35 8.19
CA VAL D 77 -16.21 13.04 8.52
C VAL D 77 -16.12 14.27 7.62
N ALA D 78 -16.27 15.44 8.25
CA ALA D 78 -16.22 16.70 7.55
C ALA D 78 -14.79 17.23 7.54
N MET D 79 -14.40 17.91 6.45
CA MET D 79 -13.00 18.18 6.16
C MET D 79 -12.88 19.44 5.30
N VAL D 80 -11.80 20.19 5.55
CA VAL D 80 -11.45 21.27 4.66
C VAL D 80 -9.98 21.14 4.24
N TRP D 81 -9.79 21.27 2.92
CA TRP D 81 -8.50 21.09 2.28
C TRP D 81 -8.14 22.36 1.52
N GLN D 82 -6.87 22.73 1.63
CA GLN D 82 -6.38 23.98 1.08
C GLN D 82 -5.26 23.71 0.10
N GLY D 83 -5.33 24.39 -1.04
CA GLY D 83 -4.24 24.41 -1.99
C GLY D 83 -4.68 24.91 -3.36
N LEU D 84 -3.75 24.98 -4.30
CA LEU D 84 -4.03 25.53 -5.60
C LEU D 84 -5.04 24.65 -6.30
N ASP D 85 -6.13 25.30 -6.73
CA ASP D 85 -7.09 24.63 -7.59
C ASP D 85 -7.69 23.41 -6.90
N VAL D 86 -7.75 23.46 -5.57
CA VAL D 86 -8.08 22.31 -4.75
C VAL D 86 -9.51 21.83 -5.02
N VAL D 87 -10.43 22.74 -5.34
CA VAL D 87 -11.81 22.36 -5.56
C VAL D 87 -11.88 21.42 -6.75
N ARG D 88 -11.37 21.89 -7.89
CA ARG D 88 -11.41 21.16 -9.16
C ARG D 88 -10.62 19.86 -9.04
N THR D 89 -9.45 19.92 -8.41
CA THR D 89 -8.60 18.76 -8.32
C THR D 89 -9.23 17.71 -7.41
N SER D 90 -9.90 18.17 -6.33
CA SER D 90 -10.60 17.26 -5.44
C SER D 90 -11.67 16.51 -6.20
N ARG D 91 -12.42 17.24 -7.03
CA ARG D 91 -13.52 16.66 -7.78
C ARG D 91 -12.88 15.52 -8.60
N ALA D 92 -11.67 15.74 -9.11
CA ALA D 92 -11.01 14.80 -9.98
C ALA D 92 -10.52 13.56 -9.22
N LEU D 93 -9.93 13.75 -8.04
CA LEU D 93 -9.44 12.64 -7.26
C LEU D 93 -10.59 11.74 -6.84
N ILE D 94 -11.73 12.38 -6.61
CA ILE D 94 -12.90 11.71 -6.12
C ILE D 94 -13.53 10.90 -7.24
N GLY D 95 -13.65 11.56 -8.42
CA GLY D 95 -14.23 10.94 -9.61
C GLY D 95 -15.69 11.33 -9.83
N ALA D 96 -16.20 10.96 -11.00
CA ALA D 96 -17.57 11.26 -11.39
C ALA D 96 -18.55 10.86 -10.29
N THR D 97 -19.72 11.52 -10.31
CA THR D 97 -20.72 11.37 -9.28
C THR D 97 -21.24 9.93 -9.31
N ASN D 98 -21.57 9.48 -10.50
CA ASN D 98 -21.90 8.08 -10.69
C ASN D 98 -20.61 7.28 -10.82
N PRO D 99 -20.25 6.40 -9.86
CA PRO D 99 -19.05 5.58 -9.95
C PRO D 99 -18.89 4.74 -11.21
N ALA D 100 -20.01 4.39 -11.83
CA ALA D 100 -19.93 3.67 -13.09
C ALA D 100 -19.15 4.49 -14.10
N ASP D 101 -19.11 5.82 -13.95
CA ASP D 101 -18.37 6.68 -14.86
C ASP D 101 -17.03 7.14 -14.27
N ALA D 102 -16.61 6.56 -13.15
CA ALA D 102 -15.42 7.04 -12.45
C ALA D 102 -14.27 6.11 -12.75
N PRO D 103 -13.23 6.59 -13.46
CA PRO D 103 -12.18 5.69 -13.92
C PRO D 103 -11.34 5.22 -12.76
N PRO D 104 -10.79 4.00 -12.81
CA PRO D 104 -9.98 3.46 -11.72
C PRO D 104 -8.86 4.44 -11.47
N GLY D 105 -8.41 4.50 -10.23
CA GLY D 105 -7.46 5.53 -9.85
C GLY D 105 -8.14 6.62 -9.03
N THR D 106 -9.40 6.93 -9.37
CA THR D 106 -10.22 7.82 -8.55
C THR D 106 -10.80 7.06 -7.35
N ILE D 107 -11.26 7.79 -6.34
CA ILE D 107 -11.72 7.14 -5.13
C ILE D 107 -12.97 6.34 -5.45
N ARG D 108 -13.88 6.91 -6.23
CA ARG D 108 -15.11 6.22 -6.53
C ARG D 108 -14.84 5.08 -7.49
N GLY D 109 -13.95 5.34 -8.45
CA GLY D 109 -13.54 4.31 -9.40
C GLY D 109 -12.96 3.07 -8.71
N ASP D 110 -12.36 3.27 -7.53
CA ASP D 110 -11.63 2.22 -6.87
C ASP D 110 -12.51 1.50 -5.86
N PHE D 111 -13.46 2.22 -5.26
CA PHE D 111 -14.11 1.75 -4.04
C PHE D 111 -15.64 1.67 -4.10
N CYS D 112 -16.28 2.22 -5.13
CA CYS D 112 -17.73 2.35 -5.13
C CYS D 112 -18.37 1.73 -6.34
N ILE D 113 -19.62 1.32 -6.18
CA ILE D 113 -20.36 0.72 -7.27
C ILE D 113 -21.52 1.62 -7.70
N GLU D 114 -22.27 2.17 -6.75
CA GLU D 114 -23.54 2.80 -7.06
C GLU D 114 -23.56 4.24 -6.55
N VAL D 115 -24.34 5.10 -7.23
CA VAL D 115 -24.32 6.53 -7.00
C VAL D 115 -24.85 6.90 -5.60
N GLY D 116 -25.79 6.11 -5.08
CA GLY D 116 -26.31 6.32 -3.74
C GLY D 116 -25.31 6.02 -2.63
N LYS D 117 -24.33 5.19 -2.91
CA LYS D 117 -23.30 4.85 -1.94
C LYS D 117 -21.93 5.11 -2.55
N ASN D 118 -21.63 6.41 -2.73
CA ASN D 118 -20.44 6.89 -3.41
C ASN D 118 -19.49 7.63 -2.44
N LEU D 119 -19.58 7.33 -1.16
CA LEU D 119 -18.46 7.41 -0.23
C LEU D 119 -18.13 8.82 0.26
N ILE D 120 -18.28 9.85 -0.59
CA ILE D 120 -17.68 11.11 -0.24
C ILE D 120 -18.38 12.23 -1.02
N HIS D 121 -18.47 13.41 -0.40
CA HIS D 121 -18.93 14.61 -1.08
C HIS D 121 -17.74 15.55 -1.21
N GLY D 122 -17.63 16.21 -2.37
CA GLY D 122 -16.73 17.35 -2.50
C GLY D 122 -17.43 18.56 -3.08
N SER D 123 -17.05 19.75 -2.63
CA SER D 123 -17.63 20.96 -3.20
C SER D 123 -17.39 20.93 -4.70
N ASP D 124 -18.39 21.35 -5.45
CA ASP D 124 -18.41 21.29 -6.90
C ASP D 124 -18.00 22.63 -7.50
N SER D 125 -17.83 23.67 -6.67
CA SER D 125 -17.36 24.95 -7.19
C SER D 125 -16.81 25.77 -6.05
N VAL D 126 -16.08 26.82 -6.43
CA VAL D 126 -15.47 27.65 -5.41
C VAL D 126 -16.58 28.26 -4.56
N GLU D 127 -17.66 28.65 -5.25
CA GLU D 127 -18.82 29.19 -4.60
C GLU D 127 -19.37 28.20 -3.58
N SER D 128 -19.64 26.98 -4.02
CA SER D 128 -20.19 25.95 -3.14
C SER D 128 -19.29 25.72 -1.94
N ALA D 129 -17.97 25.80 -2.15
CA ALA D 129 -17.04 25.56 -1.07
C ALA D 129 -17.14 26.64 -0.01
N ARG D 130 -17.26 27.90 -0.46
CA ARG D 130 -17.38 29.01 0.46
C ARG D 130 -18.56 28.75 1.39
N ARG D 131 -19.71 28.45 0.77
CA ARG D 131 -20.94 28.24 1.51
C ARG D 131 -20.82 27.00 2.40
N GLU D 132 -20.27 25.91 1.86
CA GLU D 132 -20.28 24.65 2.58
C GLU D 132 -19.35 24.79 3.78
N ILE D 133 -18.27 25.55 3.61
CA ILE D 133 -17.27 25.64 4.67
C ILE D 133 -17.87 26.41 5.83
N ALA D 134 -18.59 27.48 5.50
CA ALA D 134 -19.21 28.33 6.52
C ALA D 134 -20.35 27.58 7.21
N LEU D 135 -21.05 26.75 6.45
CA LEU D 135 -22.19 26.03 6.98
C LEU D 135 -21.76 24.98 7.99
N TRP D 136 -20.65 24.30 7.69
CA TRP D 136 -20.23 23.15 8.47
C TRP D 136 -19.19 23.50 9.55
N PHE D 137 -18.49 24.64 9.40
CA PHE D 137 -17.37 24.95 10.28
C PHE D 137 -17.38 26.41 10.71
N ARG D 138 -17.16 26.65 12.00
CA ARG D 138 -16.85 27.98 12.52
C ARG D 138 -15.45 28.37 12.05
N ALA D 139 -15.21 29.67 11.86
CA ALA D 139 -13.92 30.20 11.44
C ALA D 139 -12.79 29.76 12.37
N ASP D 140 -13.06 29.52 13.66
CA ASP D 140 -12.00 29.16 14.59
C ASP D 140 -11.70 27.67 14.56
N GLU D 141 -12.37 26.93 13.67
CA GLU D 141 -12.13 25.51 13.46
C GLU D 141 -11.21 25.29 12.24
N LEU D 142 -11.08 26.32 11.40
CA LEU D 142 -10.13 26.33 10.30
C LEU D 142 -8.78 26.81 10.81
N LEU D 143 -7.73 26.00 10.62
CA LEU D 143 -6.42 26.29 11.17
C LEU D 143 -5.47 26.79 10.08
N CYS D 144 -4.81 27.94 10.34
CA CYS D 144 -3.54 28.24 9.69
C CYS D 144 -2.47 27.47 10.44
N TRP D 145 -1.61 26.80 9.69
CA TRP D 145 -0.35 26.32 10.23
C TRP D 145 0.74 26.48 9.18
N GLU D 146 1.97 26.78 9.64
CA GLU D 146 3.09 27.01 8.71
C GLU D 146 3.47 25.66 8.11
N ASP D 147 3.06 25.44 6.84
CA ASP D 147 3.20 24.18 6.13
C ASP D 147 4.62 24.07 5.58
N SER D 148 5.47 23.25 6.18
CA SER D 148 6.87 23.17 5.76
C SER D 148 7.03 22.34 4.49
N ALA D 149 6.04 21.52 4.11
CA ALA D 149 6.09 20.78 2.83
C ALA D 149 5.88 21.70 1.63
N GLY D 150 5.21 22.83 1.84
CA GLY D 150 4.71 23.72 0.80
C GLY D 150 5.81 24.34 -0.08
N HIS D 151 7.04 24.42 0.40
CA HIS D 151 8.16 24.86 -0.43
C HIS D 151 8.41 23.88 -1.58
N TRP D 152 7.89 22.64 -1.48
CA TRP D 152 8.12 21.59 -2.46
C TRP D 152 6.87 21.22 -3.24
N LEU D 153 5.81 22.04 -3.10
CA LEU D 153 4.55 21.82 -3.79
C LEU D 153 4.19 23.01 -4.70
N TYR D 154 4.66 24.20 -4.28
CA TYR D 154 4.45 25.47 -4.98
C TYR D 154 5.81 26.07 -5.32
N GLU D 155 5.85 26.78 -6.45
CA GLU D 155 6.98 27.62 -6.79
C GLU D 155 6.82 28.94 -6.02
N THR E 4 15.23 -1.25 -31.48
CA THR E 4 15.63 -2.17 -30.37
C THR E 4 14.37 -2.75 -29.69
N GLY E 5 13.15 -2.26 -30.01
CA GLY E 5 11.90 -2.86 -29.58
C GLY E 5 11.75 -2.88 -28.05
N ALA E 6 12.03 -4.05 -27.47
CA ALA E 6 11.97 -4.29 -26.03
C ALA E 6 13.28 -3.89 -25.35
N HIS E 7 14.26 -3.41 -26.13
CA HIS E 7 15.50 -2.86 -25.61
C HIS E 7 15.44 -1.32 -25.58
N GLU E 8 14.32 -0.71 -25.95
CA GLU E 8 14.14 0.74 -25.84
C GLU E 8 14.45 1.20 -24.40
N ARG E 9 14.97 2.42 -24.28
CA ARG E 9 15.37 2.95 -23.00
C ARG E 9 14.85 4.37 -22.88
N THR E 10 14.56 4.80 -21.64
CA THR E 10 14.20 6.19 -21.40
C THR E 10 15.00 6.68 -20.19
N PHE E 11 15.14 8.00 -20.10
CA PHE E 11 15.79 8.60 -18.96
C PHE E 11 14.70 9.15 -18.07
N LEU E 12 14.80 8.83 -16.76
CA LEU E 12 13.95 9.43 -15.73
C LEU E 12 14.82 10.12 -14.70
N ALA E 13 14.31 11.23 -14.17
CA ALA E 13 14.94 11.89 -13.06
C ALA E 13 13.89 12.29 -12.03
N VAL E 14 14.03 11.76 -10.82
CA VAL E 14 13.30 12.35 -9.71
C VAL E 14 13.92 13.71 -9.43
N LYS E 15 13.11 14.76 -9.52
CA LYS E 15 13.59 16.10 -9.23
C LYS E 15 13.72 16.29 -7.72
N PRO E 16 14.32 17.40 -7.25
CA PRO E 16 14.64 17.56 -5.83
C PRO E 16 13.42 17.52 -4.93
N ASP E 17 12.26 17.93 -5.46
CA ASP E 17 11.03 17.87 -4.69
C ASP E 17 10.70 16.40 -4.38
N GLY E 18 10.89 15.55 -5.38
CA GLY E 18 10.67 14.13 -5.15
C GLY E 18 11.59 13.59 -4.06
N VAL E 19 12.84 14.06 -4.02
CA VAL E 19 13.74 13.49 -3.05
C VAL E 19 13.33 13.97 -1.67
N GLN E 20 13.02 15.28 -1.60
CA GLN E 20 12.71 15.98 -0.35
C GLN E 20 11.44 15.43 0.28
N ARG E 21 10.43 15.24 -0.58
CA ARG E 21 9.17 14.68 -0.18
C ARG E 21 9.22 13.16 -0.02
N ARG E 22 10.41 12.56 -0.12
CA ARG E 22 10.53 11.13 0.09
C ARG E 22 9.66 10.31 -0.87
N LEU E 23 9.72 10.53 -2.18
CA LEU E 23 8.93 9.70 -3.06
C LEU E 23 9.79 8.88 -4.02
N VAL E 24 11.08 8.72 -3.72
CA VAL E 24 11.95 8.04 -4.67
C VAL E 24 11.53 6.59 -4.80
N GLY E 25 11.48 5.90 -3.66
CA GLY E 25 11.02 4.53 -3.57
C GLY E 25 9.69 4.33 -4.26
N GLU E 26 8.74 5.20 -3.94
CA GLU E 26 7.40 5.11 -4.47
C GLU E 26 7.44 5.13 -6.00
N ILE E 27 8.23 6.05 -6.56
CA ILE E 27 8.32 6.19 -8.00
C ILE E 27 9.00 4.96 -8.59
N VAL E 28 10.14 4.58 -8.02
CA VAL E 28 10.82 3.40 -8.50
C VAL E 28 9.84 2.24 -8.55
N ARG E 29 9.10 2.06 -7.45
CA ARG E 29 8.22 0.91 -7.30
C ARG E 29 7.20 0.88 -8.42
N ARG E 30 6.72 2.03 -8.86
CA ARG E 30 5.76 2.01 -9.94
C ARG E 30 6.37 1.44 -11.21
N PHE E 31 7.60 1.82 -11.51
CA PHE E 31 8.25 1.33 -12.71
C PHE E 31 8.54 -0.16 -12.56
N GLU E 32 9.04 -0.58 -11.39
CA GLU E 32 9.31 -1.99 -11.17
C GLU E 32 8.08 -2.84 -11.48
N ARG E 33 6.95 -2.47 -10.84
CA ARG E 33 5.77 -3.31 -10.83
C ARG E 33 5.12 -3.30 -12.21
N LYS E 34 5.42 -2.28 -13.02
CA LYS E 34 4.91 -2.24 -14.37
C LYS E 34 5.66 -3.25 -15.22
N GLY E 35 6.89 -3.57 -14.78
CA GLY E 35 7.65 -4.63 -15.40
C GLY E 35 8.91 -4.14 -16.12
N PHE E 36 9.12 -2.83 -16.23
CA PHE E 36 10.31 -2.31 -16.86
C PHE E 36 11.54 -2.69 -16.07
N LYS E 37 12.69 -2.68 -16.75
CA LYS E 37 13.95 -3.19 -16.25
C LYS E 37 14.85 -2.00 -15.93
N LEU E 38 15.27 -1.91 -14.67
CA LEU E 38 16.14 -0.83 -14.23
C LEU E 38 17.55 -1.12 -14.68
N VAL E 39 18.12 -0.25 -15.53
CA VAL E 39 19.44 -0.50 -16.08
C VAL E 39 20.46 0.54 -15.64
N ALA E 40 20.02 1.65 -15.02
CA ALA E 40 20.93 2.61 -14.43
C ALA E 40 20.23 3.45 -13.37
N LEU E 41 21.00 3.81 -12.34
CA LEU E 41 20.50 4.53 -11.18
C LEU E 41 21.64 5.23 -10.43
N LYS E 42 21.55 6.56 -10.30
CA LYS E 42 22.39 7.27 -9.35
C LYS E 42 21.71 8.52 -8.79
N LEU E 43 22.13 8.85 -7.57
CA LEU E 43 21.81 10.12 -6.93
C LEU E 43 22.94 11.09 -7.24
N VAL E 44 22.62 12.18 -7.94
CA VAL E 44 23.60 13.18 -8.27
C VAL E 44 23.07 14.58 -7.96
N GLN E 45 24.02 15.49 -7.81
CA GLN E 45 23.77 16.91 -7.77
C GLN E 45 24.08 17.45 -9.17
N ALA E 46 23.08 17.80 -9.97
CA ALA E 46 23.35 18.22 -11.33
C ALA E 46 23.99 19.61 -11.38
N SER E 47 24.98 19.78 -12.26
CA SER E 47 25.65 21.05 -12.49
C SER E 47 24.78 21.96 -13.35
N GLU E 48 24.98 23.28 -13.27
CA GLU E 48 24.21 24.20 -14.10
C GLU E 48 24.55 23.99 -15.58
N GLU E 49 25.81 23.61 -15.85
CA GLU E 49 26.27 23.41 -17.22
C GLU E 49 25.47 22.28 -17.86
N LEU E 50 25.38 21.13 -17.15
CA LEU E 50 24.63 19.97 -17.62
C LEU E 50 23.18 20.36 -17.86
N LEU E 51 22.58 21.07 -16.89
CA LEU E 51 21.15 21.32 -16.90
C LEU E 51 20.76 22.29 -18.01
N ARG E 52 21.67 23.22 -18.35
CA ARG E 52 21.43 24.12 -19.47
C ARG E 52 21.37 23.34 -20.79
N GLU E 53 22.16 22.27 -20.87
CA GLU E 53 22.15 21.40 -22.05
C GLU E 53 20.95 20.46 -21.99
N HIS E 54 20.66 19.91 -20.81
CA HIS E 54 19.48 19.09 -20.62
C HIS E 54 18.24 19.84 -21.11
N TYR E 55 18.12 21.12 -20.73
CA TYR E 55 16.90 21.89 -20.98
C TYR E 55 17.11 22.84 -22.16
N ALA E 56 18.02 22.47 -23.08
CA ALA E 56 18.40 23.34 -24.19
C ALA E 56 17.21 23.62 -25.12
N GLU E 57 16.26 22.65 -25.24
CA GLU E 57 15.06 22.83 -26.05
C GLU E 57 14.19 23.95 -25.49
N LEU E 58 14.32 24.27 -24.18
CA LEU E 58 13.45 25.20 -23.49
C LEU E 58 14.15 26.56 -23.22
N ARG E 59 15.17 26.94 -24.02
CA ARG E 59 16.09 28.02 -23.67
C ARG E 59 15.51 29.43 -23.90
N GLU E 60 14.49 29.58 -24.76
CA GLU E 60 13.90 30.89 -25.01
C GLU E 60 12.59 31.06 -24.23
N ARG E 61 12.11 30.01 -23.55
CA ARG E 61 10.90 30.12 -22.72
C ARG E 61 11.27 30.95 -21.48
N PRO E 62 10.31 31.65 -20.84
CA PRO E 62 10.63 32.50 -19.67
C PRO E 62 10.98 31.75 -18.38
N PHE E 63 10.64 30.45 -18.28
CA PHE E 63 10.81 29.67 -17.07
C PHE E 63 12.21 29.05 -16.98
N TYR E 64 13.01 29.17 -18.05
CA TYR E 64 14.25 28.42 -18.24
C TYR E 64 15.30 28.71 -17.16
N GLY E 65 15.50 29.98 -16.84
CA GLY E 65 16.44 30.34 -15.80
C GLY E 65 16.12 29.67 -14.47
N ARG E 66 14.83 29.74 -14.07
CA ARG E 66 14.40 29.32 -12.74
C ARG E 66 14.39 27.80 -12.68
N LEU E 67 14.03 27.15 -13.79
CA LEU E 67 14.00 25.70 -13.96
C LEU E 67 15.41 25.12 -13.77
N VAL E 68 16.41 25.78 -14.37
CA VAL E 68 17.80 25.36 -14.26
C VAL E 68 18.30 25.58 -12.83
N LYS E 69 18.05 26.78 -12.27
CA LYS E 69 18.51 27.08 -10.92
C LYS E 69 17.84 26.13 -9.92
N TYR E 70 16.61 25.70 -10.24
CA TYR E 70 15.88 24.78 -9.39
C TYR E 70 16.54 23.40 -9.40
N MET E 71 16.69 22.80 -10.59
CA MET E 71 17.13 21.42 -10.75
C MET E 71 18.57 21.21 -10.23
N ALA E 72 19.29 22.34 -10.12
CA ALA E 72 20.61 22.36 -9.51
C ALA E 72 20.50 22.66 -8.01
N SER E 73 19.30 23.01 -7.53
CA SER E 73 19.09 23.40 -6.14
C SER E 73 19.34 22.21 -5.21
N GLY E 74 19.13 20.99 -5.71
CA GLY E 74 19.22 19.82 -4.85
C GLY E 74 19.65 18.57 -5.58
N PRO E 75 19.60 17.43 -4.86
CA PRO E 75 19.92 16.13 -5.43
C PRO E 75 18.76 15.69 -6.29
N VAL E 76 19.09 15.10 -7.45
CA VAL E 76 18.13 14.37 -8.24
C VAL E 76 18.52 12.90 -8.26
N VAL E 77 17.55 12.03 -8.57
CA VAL E 77 17.82 10.63 -8.76
C VAL E 77 17.64 10.34 -10.24
N ALA E 78 18.77 10.06 -10.90
CA ALA E 78 18.79 9.80 -12.33
C ALA E 78 18.64 8.30 -12.54
N MET E 79 17.97 7.94 -13.65
CA MET E 79 17.49 6.57 -13.84
C MET E 79 17.38 6.27 -15.34
N VAL E 80 17.65 5.01 -15.67
CA VAL E 80 17.33 4.52 -17.00
C VAL E 80 16.51 3.22 -16.88
N TRP E 81 15.42 3.21 -17.65
CA TRP E 81 14.48 2.10 -17.66
C TRP E 81 14.38 1.55 -19.07
N GLN E 82 14.35 0.21 -19.14
CA GLN E 82 14.31 -0.47 -20.41
C GLN E 82 13.05 -1.31 -20.53
N GLY E 83 12.45 -1.27 -21.73
CA GLY E 83 11.40 -2.19 -22.09
C GLY E 83 10.61 -1.66 -23.29
N LEU E 84 9.60 -2.43 -23.72
CA LEU E 84 8.86 -2.10 -24.92
C LEU E 84 8.14 -0.78 -24.69
N ASP E 85 8.40 0.16 -25.62
CA ASP E 85 7.61 1.37 -25.68
C ASP E 85 7.78 2.16 -24.40
N VAL E 86 8.92 1.99 -23.72
CA VAL E 86 9.11 2.49 -22.36
C VAL E 86 9.05 4.02 -22.32
N VAL E 87 9.50 4.71 -23.36
CA VAL E 87 9.49 6.16 -23.38
C VAL E 87 8.05 6.65 -23.27
N ARG E 88 7.20 6.21 -24.21
CA ARG E 88 5.80 6.63 -24.29
C ARG E 88 5.06 6.19 -23.03
N THR E 89 5.30 4.97 -22.57
CA THR E 89 4.58 4.43 -21.43
C THR E 89 4.98 5.19 -20.16
N SER E 90 6.27 5.55 -20.05
CA SER E 90 6.75 6.31 -18.92
C SER E 90 6.02 7.64 -18.85
N ARG E 91 5.91 8.30 -20.02
CA ARG E 91 5.27 9.61 -20.10
C ARG E 91 3.87 9.44 -19.50
N ALA E 92 3.25 8.29 -19.77
CA ALA E 92 1.87 8.04 -19.37
C ALA E 92 1.77 7.77 -17.86
N LEU E 93 2.68 6.98 -17.32
CA LEU E 93 2.67 6.65 -15.90
C LEU E 93 2.89 7.92 -15.08
N ILE E 94 3.69 8.81 -15.65
CA ILE E 94 4.11 10.02 -14.98
C ILE E 94 2.94 11.00 -15.00
N GLY E 95 2.31 11.14 -16.16
CA GLY E 95 1.20 12.04 -16.36
C GLY E 95 1.59 13.34 -17.03
N ALA E 96 0.59 14.12 -17.44
CA ALA E 96 0.77 15.40 -18.10
C ALA E 96 1.77 16.28 -17.33
N THR E 97 2.39 17.21 -18.07
CA THR E 97 3.44 18.06 -17.53
C THR E 97 2.84 18.94 -16.43
N ASN E 98 1.70 19.55 -16.75
CA ASN E 98 0.97 20.27 -15.74
C ASN E 98 0.13 19.27 -14.96
N PRO E 99 0.39 19.02 -13.65
CA PRO E 99 -0.39 18.06 -12.87
C PRO E 99 -1.89 18.32 -12.83
N ALA E 100 -2.29 19.58 -13.01
CA ALA E 100 -3.71 19.87 -13.08
C ALA E 100 -4.35 19.05 -14.21
N ASP E 101 -3.57 18.64 -15.22
CA ASP E 101 -4.11 17.85 -16.31
C ASP E 101 -3.78 16.36 -16.17
N ALA E 102 -3.22 15.94 -15.03
CA ALA E 102 -2.75 14.58 -14.86
C ALA E 102 -3.79 13.80 -14.06
N PRO E 103 -4.46 12.80 -14.66
CA PRO E 103 -5.54 12.12 -13.98
C PRO E 103 -4.99 11.25 -12.85
N PRO E 104 -5.77 11.05 -11.78
CA PRO E 104 -5.38 10.23 -10.65
C PRO E 104 -4.96 8.88 -11.20
N GLY E 105 -4.03 8.25 -10.51
CA GLY E 105 -3.47 7.02 -11.04
C GLY E 105 -2.08 7.25 -11.60
N THR E 106 -1.86 8.40 -12.24
CA THR E 106 -0.53 8.81 -12.66
C THR E 106 0.25 9.40 -11.48
N ILE E 107 1.57 9.48 -11.61
CA ILE E 107 2.40 9.91 -10.51
C ILE E 107 2.08 11.36 -10.18
N ARG E 108 1.97 12.19 -11.21
CA ARG E 108 1.72 13.61 -10.99
C ARG E 108 0.30 13.81 -10.51
N GLY E 109 -0.62 13.06 -11.11
CA GLY E 109 -2.02 13.10 -10.68
C GLY E 109 -2.20 12.78 -9.20
N ASP E 110 -1.30 11.96 -8.64
CA ASP E 110 -1.46 11.44 -7.30
C ASP E 110 -0.71 12.30 -6.30
N PHE E 111 0.40 12.93 -6.73
CA PHE E 111 1.38 13.48 -5.81
C PHE E 111 1.68 14.96 -5.99
N CYS E 112 1.23 15.59 -7.08
CA CYS E 112 1.71 16.93 -7.41
C CYS E 112 0.56 17.88 -7.64
N ILE E 113 0.83 19.17 -7.40
CA ILE E 113 -0.20 20.17 -7.59
C ILE E 113 0.17 21.11 -8.74
N GLU E 114 1.44 21.56 -8.77
CA GLU E 114 1.82 22.67 -9.63
C GLU E 114 2.96 22.27 -10.57
N VAL E 115 3.03 22.92 -11.74
CA VAL E 115 3.89 22.48 -12.82
C VAL E 115 5.38 22.63 -12.46
N GLY E 116 5.72 23.65 -11.67
CA GLY E 116 7.08 23.87 -11.24
C GLY E 116 7.58 22.82 -10.25
N LYS E 117 6.66 22.16 -9.55
CA LYS E 117 7.03 21.14 -8.59
C LYS E 117 6.27 19.85 -8.92
N ASN E 118 6.67 19.25 -10.06
CA ASN E 118 6.02 18.09 -10.63
C ASN E 118 6.93 16.86 -10.60
N LEU E 119 7.89 16.86 -9.69
CA LEU E 119 8.41 15.63 -9.08
C LEU E 119 9.43 14.87 -9.95
N ILE E 120 9.28 14.86 -11.27
CA ILE E 120 10.02 13.90 -12.07
C ILE E 120 10.08 14.39 -13.50
N HIS E 121 11.18 14.06 -14.18
CA HIS E 121 11.32 14.26 -15.62
C HIS E 121 11.36 12.90 -16.28
N GLY E 122 10.70 12.77 -17.42
CA GLY E 122 10.88 11.63 -18.30
C GLY E 122 11.15 12.08 -19.74
N SER E 123 12.02 11.34 -20.43
CA SER E 123 12.30 11.71 -21.80
C SER E 123 10.98 11.68 -22.56
N ASP E 124 10.82 12.67 -23.44
CA ASP E 124 9.60 12.88 -24.19
C ASP E 124 9.66 12.25 -25.58
N SER E 125 10.83 11.70 -25.96
CA SER E 125 10.93 11.01 -27.24
C SER E 125 12.14 10.10 -27.21
N VAL E 126 12.16 9.19 -28.19
CA VAL E 126 13.25 8.25 -28.27
C VAL E 126 14.53 9.04 -28.48
N GLU E 127 14.43 10.08 -29.31
CA GLU E 127 15.54 10.97 -29.57
C GLU E 127 16.02 11.58 -28.24
N SER E 128 15.12 12.20 -27.50
CA SER E 128 15.48 12.86 -26.25
C SER E 128 16.14 11.87 -25.30
N ALA E 129 15.68 10.62 -25.31
CA ALA E 129 16.20 9.63 -24.39
C ALA E 129 17.65 9.32 -24.75
N ARG E 130 17.94 9.18 -26.04
CA ARG E 130 19.30 8.90 -26.49
C ARG E 130 20.23 9.97 -25.94
N ARG E 131 19.85 11.25 -26.18
CA ARG E 131 20.65 12.41 -25.78
C ARG E 131 20.77 12.43 -24.27
N GLU E 132 19.65 12.26 -23.56
CA GLU E 132 19.64 12.47 -22.14
C GLU E 132 20.46 11.36 -21.50
N ILE E 133 20.41 10.16 -22.07
CA ILE E 133 21.07 9.02 -21.44
C ILE E 133 22.57 9.21 -21.55
N ALA E 134 23.01 9.70 -22.71
CA ALA E 134 24.44 9.92 -22.94
C ALA E 134 24.95 11.09 -22.10
N LEU E 135 24.09 12.10 -21.92
CA LEU E 135 24.47 13.28 -21.17
C LEU E 135 24.66 12.97 -19.70
N TRP E 136 23.78 12.13 -19.16
CA TRP E 136 23.73 11.89 -17.72
C TRP E 136 24.50 10.64 -17.30
N PHE E 137 24.78 9.71 -18.23
CA PHE E 137 25.34 8.43 -17.86
C PHE E 137 26.45 7.99 -18.81
N ARG E 138 27.55 7.50 -18.23
CA ARG E 138 28.57 6.78 -18.98
C ARG E 138 28.00 5.43 -19.39
N ALA E 139 28.45 4.91 -20.53
CA ALA E 139 28.01 3.62 -21.06
C ALA E 139 28.24 2.50 -20.05
N ASP E 140 29.25 2.61 -19.18
CA ASP E 140 29.56 1.52 -18.26
C ASP E 140 28.72 1.60 -16.99
N GLU E 141 27.78 2.57 -16.94
CA GLU E 141 26.83 2.70 -15.85
C GLU E 141 25.50 2.04 -16.21
N LEU E 142 25.28 1.78 -17.51
CA LEU E 142 24.11 1.07 -17.99
C LEU E 142 24.40 -0.42 -17.96
N LEU E 143 23.57 -1.20 -17.25
CA LEU E 143 23.83 -2.62 -17.04
C LEU E 143 22.93 -3.49 -17.91
N CYS E 144 23.49 -4.45 -18.62
CA CYS E 144 22.76 -5.63 -19.04
C CYS E 144 22.72 -6.57 -17.84
N TRP E 145 21.55 -7.11 -17.52
CA TRP E 145 21.47 -8.24 -16.63
C TRP E 145 20.37 -9.18 -17.10
N GLU E 146 20.53 -10.48 -16.82
CA GLU E 146 19.57 -11.50 -17.25
C GLU E 146 18.30 -11.33 -16.42
N ASP E 147 17.27 -10.72 -17.04
CA ASP E 147 16.02 -10.39 -16.38
C ASP E 147 15.12 -11.63 -16.37
N SER E 148 14.97 -12.26 -15.20
CA SER E 148 14.23 -13.50 -15.13
C SER E 148 12.72 -13.28 -15.17
N ALA E 149 12.24 -12.04 -14.90
CA ALA E 149 10.82 -11.74 -15.00
C ALA E 149 10.34 -11.66 -16.46
N GLY E 150 11.26 -11.38 -17.38
CA GLY E 150 10.96 -11.02 -18.76
C GLY E 150 10.19 -12.08 -19.57
N HIS E 151 10.29 -13.37 -19.18
CA HIS E 151 9.50 -14.40 -19.85
C HIS E 151 8.00 -14.17 -19.61
N TRP E 152 7.64 -13.38 -18.57
CA TRP E 152 6.26 -13.18 -18.14
C TRP E 152 5.77 -11.75 -18.42
N LEU E 153 6.54 -10.98 -19.18
CA LEU E 153 6.20 -9.61 -19.53
C LEU E 153 6.09 -9.42 -21.04
N TYR E 154 6.85 -10.25 -21.78
CA TYR E 154 6.85 -10.28 -23.24
C TYR E 154 6.43 -11.67 -23.71
N GLU E 155 5.70 -11.71 -24.83
CA GLU E 155 5.54 -12.99 -25.52
C GLU E 155 6.79 -13.16 -26.41
N THR F 4 -30.74 -9.56 -13.88
CA THR F 4 -30.43 -9.86 -12.46
C THR F 4 -29.84 -8.63 -11.76
N GLY F 5 -29.51 -7.54 -12.52
CA GLY F 5 -29.16 -6.25 -11.94
C GLY F 5 -27.88 -6.32 -11.09
N ALA F 6 -28.07 -6.38 -9.77
CA ALA F 6 -26.99 -6.48 -8.80
C ALA F 6 -26.58 -7.93 -8.55
N HIS F 7 -27.27 -8.87 -9.23
CA HIS F 7 -26.88 -10.28 -9.22
C HIS F 7 -26.06 -10.64 -10.48
N GLU F 8 -25.77 -9.67 -11.37
CA GLU F 8 -24.90 -9.90 -12.52
C GLU F 8 -23.58 -10.52 -12.05
N ARG F 9 -23.00 -11.37 -12.91
CA ARG F 9 -21.78 -12.08 -12.59
C ARG F 9 -20.84 -11.98 -13.78
N THR F 10 -19.53 -11.98 -13.52
CA THR F 10 -18.55 -12.04 -14.59
C THR F 10 -17.53 -13.11 -14.22
N PHE F 11 -16.87 -13.63 -15.25
CA PHE F 11 -15.82 -14.59 -15.05
C PHE F 11 -14.51 -13.83 -15.19
N LEU F 12 -13.60 -14.04 -14.21
CA LEU F 12 -12.24 -13.53 -14.28
C LEU F 12 -11.28 -14.70 -14.14
N ALA F 13 -10.16 -14.58 -14.85
CA ALA F 13 -9.08 -15.54 -14.71
C ALA F 13 -7.75 -14.80 -14.62
N VAL F 14 -7.03 -15.00 -13.52
CA VAL F 14 -5.65 -14.62 -13.49
C VAL F 14 -4.91 -15.60 -14.40
N LYS F 15 -4.24 -15.09 -15.43
CA LYS F 15 -3.49 -15.94 -16.32
C LYS F 15 -2.17 -16.34 -15.64
N PRO F 16 -1.41 -17.30 -16.21
CA PRO F 16 -0.22 -17.84 -15.54
C PRO F 16 0.82 -16.80 -15.20
N ASP F 17 0.89 -15.72 -16.01
CA ASP F 17 1.83 -14.66 -15.73
C ASP F 17 1.48 -13.99 -14.41
N GLY F 18 0.17 -13.81 -14.19
CA GLY F 18 -0.28 -13.26 -12.93
C GLY F 18 0.14 -14.14 -11.76
N VAL F 19 0.07 -15.45 -11.93
CA VAL F 19 0.37 -16.31 -10.82
C VAL F 19 1.86 -16.25 -10.55
N GLN F 20 2.63 -16.30 -11.65
CA GLN F 20 4.08 -16.38 -11.61
C GLN F 20 4.70 -15.12 -11.03
N ARG F 21 4.17 -13.99 -11.47
CA ARG F 21 4.57 -12.69 -10.98
C ARG F 21 3.95 -12.37 -9.61
N ARG F 22 3.25 -13.32 -8.98
CA ARG F 22 2.71 -13.09 -7.66
C ARG F 22 1.76 -11.90 -7.60
N LEU F 23 0.77 -11.80 -8.47
CA LEU F 23 -0.17 -10.70 -8.36
C LEU F 23 -1.59 -11.17 -8.07
N VAL F 24 -1.75 -12.40 -7.58
CA VAL F 24 -3.11 -12.91 -7.40
C VAL F 24 -3.82 -12.09 -6.34
N GLY F 25 -3.21 -12.03 -5.16
CA GLY F 25 -3.69 -11.22 -4.05
C GLY F 25 -4.01 -9.80 -4.47
N GLU F 26 -3.06 -9.18 -5.16
CA GLU F 26 -3.20 -7.80 -5.60
C GLU F 26 -4.47 -7.64 -6.43
N ILE F 27 -4.69 -8.56 -7.36
CA ILE F 27 -5.84 -8.47 -8.26
C ILE F 27 -7.12 -8.71 -7.46
N VAL F 28 -7.13 -9.77 -6.66
CA VAL F 28 -8.31 -10.04 -5.85
C VAL F 28 -8.67 -8.80 -5.08
N ARG F 29 -7.65 -8.20 -4.43
CA ARG F 29 -7.87 -7.08 -3.54
C ARG F 29 -8.54 -5.95 -4.27
N ARG F 30 -8.18 -5.73 -5.53
CA ARG F 30 -8.83 -4.65 -6.25
C ARG F 30 -10.33 -4.89 -6.38
N PHE F 31 -10.72 -6.13 -6.67
CA PHE F 31 -12.13 -6.44 -6.80
C PHE F 31 -12.84 -6.33 -5.45
N GLU F 32 -12.22 -6.86 -4.40
CA GLU F 32 -12.81 -6.77 -3.07
C GLU F 32 -13.12 -5.30 -2.72
N ARG F 33 -12.13 -4.42 -2.86
CA ARG F 33 -12.22 -3.07 -2.35
C ARG F 33 -13.16 -2.24 -3.22
N LYS F 34 -13.40 -2.69 -4.44
CA LYS F 34 -14.36 -2.02 -5.30
C LYS F 34 -15.77 -2.34 -4.80
N GLY F 35 -15.89 -3.48 -4.13
CA GLY F 35 -17.11 -3.84 -3.44
C GLY F 35 -17.82 -5.05 -4.02
N PHE F 36 -17.33 -5.60 -5.12
CA PHE F 36 -17.93 -6.78 -5.70
C PHE F 36 -17.78 -7.97 -4.76
N LYS F 37 -18.66 -8.95 -4.96
CA LYS F 37 -18.83 -10.11 -4.10
C LYS F 37 -18.22 -11.32 -4.78
N LEU F 38 -17.24 -11.94 -4.10
CA LEU F 38 -16.59 -13.11 -4.64
C LEU F 38 -17.50 -14.31 -4.42
N VAL F 39 -17.92 -14.97 -5.50
CA VAL F 39 -18.87 -16.07 -5.40
C VAL F 39 -18.27 -17.39 -5.89
N ALA F 40 -17.08 -17.36 -6.53
CA ALA F 40 -16.38 -18.59 -6.86
C ALA F 40 -14.90 -18.30 -7.12
N LEU F 41 -14.08 -19.29 -6.74
CA LEU F 41 -12.63 -19.16 -6.78
C LEU F 41 -11.96 -20.52 -6.76
N LYS F 42 -11.17 -20.82 -7.82
CA LYS F 42 -10.28 -21.97 -7.77
C LYS F 42 -9.02 -21.73 -8.59
N LEU F 43 -7.96 -22.41 -8.13
CA LEU F 43 -6.71 -22.51 -8.87
C LEU F 43 -6.77 -23.80 -9.67
N VAL F 44 -6.74 -23.70 -10.99
CA VAL F 44 -6.78 -24.87 -11.84
C VAL F 44 -5.71 -24.78 -12.92
N GLN F 45 -5.40 -25.95 -13.46
CA GLN F 45 -4.64 -26.09 -14.68
C GLN F 45 -5.64 -26.29 -15.81
N ALA F 46 -5.86 -25.30 -16.68
CA ALA F 46 -6.86 -25.47 -17.73
C ALA F 46 -6.39 -26.45 -18.80
N SER F 47 -7.31 -27.31 -19.26
CA SER F 47 -7.03 -28.28 -20.32
C SER F 47 -7.08 -27.57 -21.66
N GLU F 48 -6.41 -28.13 -22.68
CA GLU F 48 -6.44 -27.55 -24.00
C GLU F 48 -7.85 -27.59 -24.58
N GLU F 49 -8.61 -28.63 -24.22
CA GLU F 49 -9.96 -28.82 -24.71
C GLU F 49 -10.85 -27.67 -24.26
N LEU F 50 -10.80 -27.36 -22.95
CA LEU F 50 -11.56 -26.27 -22.37
C LEU F 50 -11.19 -24.95 -23.04
N LEU F 51 -9.87 -24.72 -23.20
CA LEU F 51 -9.37 -23.43 -23.64
C LEU F 51 -9.71 -23.18 -25.11
N ARG F 52 -9.76 -24.24 -25.90
CA ARG F 52 -10.16 -24.13 -27.30
C ARG F 52 -11.62 -23.69 -27.38
N GLU F 53 -12.44 -24.13 -26.43
CA GLU F 53 -13.83 -23.71 -26.37
C GLU F 53 -13.94 -22.31 -25.80
N HIS F 54 -13.17 -22.04 -24.72
CA HIS F 54 -13.13 -20.71 -24.15
C HIS F 54 -12.81 -19.69 -25.24
N TYR F 55 -11.82 -19.98 -26.10
CA TYR F 55 -11.32 -19.01 -27.08
C TYR F 55 -11.87 -19.31 -28.48
N ALA F 56 -13.03 -19.96 -28.53
CA ALA F 56 -13.62 -20.43 -29.78
C ALA F 56 -13.92 -19.28 -30.74
N GLU F 57 -14.25 -18.08 -30.23
CA GLU F 57 -14.53 -16.92 -31.07
C GLU F 57 -13.27 -16.50 -31.83
N LEU F 58 -12.08 -16.86 -31.31
CA LEU F 58 -10.81 -16.43 -31.88
C LEU F 58 -10.11 -17.54 -32.69
N ARG F 59 -10.86 -18.52 -33.24
CA ARG F 59 -10.28 -19.75 -33.77
C ARG F 59 -9.68 -19.58 -35.17
N GLU F 60 -10.09 -18.55 -35.92
CA GLU F 60 -9.56 -18.32 -37.26
C GLU F 60 -8.49 -17.22 -37.24
N ARG F 61 -8.25 -16.55 -36.09
CA ARG F 61 -7.14 -15.61 -35.97
C ARG F 61 -5.84 -16.42 -35.98
N PRO F 62 -4.70 -15.86 -36.46
CA PRO F 62 -3.45 -16.63 -36.56
C PRO F 62 -2.76 -16.96 -35.23
N PHE F 63 -3.10 -16.24 -34.15
CA PHE F 63 -2.41 -16.33 -32.87
C PHE F 63 -3.07 -17.36 -31.95
N TYR F 64 -4.15 -18.01 -32.42
CA TYR F 64 -5.03 -18.84 -31.58
C TYR F 64 -4.32 -20.05 -30.97
N GLY F 65 -3.49 -20.72 -31.77
CA GLY F 65 -2.69 -21.82 -31.27
C GLY F 65 -1.85 -21.41 -30.06
N ARG F 66 -1.15 -20.27 -30.13
CA ARG F 66 -0.15 -19.89 -29.14
C ARG F 66 -0.86 -19.44 -27.85
N LEU F 67 -2.02 -18.77 -28.03
CA LEU F 67 -2.86 -18.32 -26.92
C LEU F 67 -3.36 -19.51 -26.09
N VAL F 68 -3.77 -20.57 -26.79
CA VAL F 68 -4.27 -21.78 -26.14
C VAL F 68 -3.11 -22.50 -25.45
N LYS F 69 -1.98 -22.68 -26.17
CA LYS F 69 -0.84 -23.40 -25.59
C LYS F 69 -0.31 -22.62 -24.39
N TYR F 70 -0.47 -21.28 -24.41
CA TYR F 70 -0.04 -20.43 -23.30
C TYR F 70 -0.91 -20.70 -22.06
N MET F 71 -2.23 -20.51 -22.20
CA MET F 71 -3.15 -20.53 -21.07
C MET F 71 -3.21 -21.91 -20.39
N ALA F 72 -2.75 -22.92 -21.14
CA ALA F 72 -2.59 -24.27 -20.62
C ALA F 72 -1.17 -24.47 -20.08
N SER F 73 -0.28 -23.48 -20.30
CA SER F 73 1.11 -23.60 -19.90
C SER F 73 1.25 -23.64 -18.39
N GLY F 74 0.29 -23.05 -17.66
CA GLY F 74 0.41 -22.96 -16.22
C GLY F 74 -0.92 -22.95 -15.49
N PRO F 75 -0.86 -22.72 -14.16
CA PRO F 75 -2.03 -22.58 -13.34
C PRO F 75 -2.63 -21.22 -13.61
N VAL F 76 -3.96 -21.20 -13.68
CA VAL F 76 -4.73 -19.96 -13.67
C VAL F 76 -5.57 -19.94 -12.41
N VAL F 77 -5.98 -18.74 -12.00
CA VAL F 77 -6.92 -18.59 -10.90
C VAL F 77 -8.24 -18.13 -11.50
N ALA F 78 -9.22 -19.03 -11.46
CA ALA F 78 -10.53 -18.77 -12.04
C ALA F 78 -11.43 -18.23 -10.94
N MET F 79 -12.33 -17.31 -11.34
CA MET F 79 -13.03 -16.47 -10.38
C MET F 79 -14.39 -16.06 -10.93
N VAL F 80 -15.36 -15.93 -10.02
CA VAL F 80 -16.62 -15.29 -10.36
C VAL F 80 -16.93 -14.18 -9.35
N TRP F 81 -17.29 -13.02 -9.91
CA TRP F 81 -17.56 -11.81 -9.14
C TRP F 81 -18.97 -11.33 -9.46
N GLN F 82 -19.66 -10.90 -8.41
CA GLN F 82 -21.05 -10.53 -8.52
C GLN F 82 -21.24 -9.10 -8.07
N GLY F 83 -22.05 -8.36 -8.84
CA GLY F 83 -22.52 -7.05 -8.42
C GLY F 83 -23.06 -6.27 -9.61
N LEU F 84 -23.52 -5.04 -9.34
CA LEU F 84 -24.13 -4.23 -10.36
C LEU F 84 -23.10 -3.93 -11.44
N ASP F 85 -23.46 -4.27 -12.67
CA ASP F 85 -22.71 -3.83 -13.83
C ASP F 85 -21.31 -4.38 -13.77
N VAL F 86 -21.14 -5.54 -13.10
CA VAL F 86 -19.82 -6.07 -12.77
C VAL F 86 -19.03 -6.41 -14.02
N VAL F 87 -19.67 -6.85 -15.10
CA VAL F 87 -18.95 -7.23 -16.30
C VAL F 87 -18.24 -5.99 -16.86
N ARG F 88 -19.01 -4.93 -17.10
CA ARG F 88 -18.51 -3.69 -17.71
C ARG F 88 -17.47 -3.06 -16.79
N THR F 89 -17.76 -3.04 -15.49
CA THR F 89 -16.88 -2.38 -14.55
C THR F 89 -15.57 -3.16 -14.42
N SER F 90 -15.65 -4.51 -14.47
CA SER F 90 -14.46 -5.35 -14.45
C SER F 90 -13.56 -5.01 -15.63
N ARG F 91 -14.17 -4.88 -16.81
CA ARG F 91 -13.43 -4.58 -18.02
C ARG F 91 -12.64 -3.31 -17.75
N ALA F 92 -13.26 -2.37 -17.02
CA ALA F 92 -12.69 -1.07 -16.79
C ALA F 92 -11.53 -1.13 -15.79
N LEU F 93 -11.71 -1.91 -14.71
CA LEU F 93 -10.68 -2.02 -13.69
C LEU F 93 -9.45 -2.68 -14.29
N ILE F 94 -9.70 -3.60 -15.21
CA ILE F 94 -8.67 -4.40 -15.81
C ILE F 94 -7.89 -3.56 -16.81
N GLY F 95 -8.65 -2.82 -17.64
CA GLY F 95 -8.07 -1.97 -18.67
C GLY F 95 -8.10 -2.61 -20.05
N ALA F 96 -7.80 -1.80 -21.07
CA ALA F 96 -7.75 -2.25 -22.45
C ALA F 96 -6.95 -3.54 -22.60
N THR F 97 -7.26 -4.28 -23.67
CA THR F 97 -6.67 -5.59 -23.90
C THR F 97 -5.18 -5.43 -24.15
N ASN F 98 -4.83 -4.47 -25.00
CA ASN F 98 -3.43 -4.12 -25.17
C ASN F 98 -3.06 -3.15 -24.04
N PRO F 99 -2.18 -3.53 -23.08
CA PRO F 99 -1.76 -2.65 -21.99
C PRO F 99 -1.20 -1.30 -22.41
N ALA F 100 -0.64 -1.23 -23.61
CA ALA F 100 -0.16 0.04 -24.10
C ALA F 100 -1.31 1.05 -24.15
N ASP F 101 -2.56 0.57 -24.24
CA ASP F 101 -3.72 1.47 -24.26
C ASP F 101 -4.42 1.53 -22.91
N ALA F 102 -3.84 0.94 -21.86
CA ALA F 102 -4.51 0.84 -20.57
C ALA F 102 -3.97 1.91 -19.64
N PRO F 103 -4.77 2.91 -19.25
CA PRO F 103 -4.25 4.05 -18.50
C PRO F 103 -3.89 3.61 -17.09
N PRO F 104 -2.88 4.24 -16.47
CA PRO F 104 -2.41 3.84 -15.14
C PRO F 104 -3.62 3.96 -14.22
N GLY F 105 -3.61 3.13 -13.18
CA GLY F 105 -4.80 3.01 -12.37
C GLY F 105 -5.55 1.72 -12.65
N THR F 106 -5.56 1.29 -13.92
CA THR F 106 -6.07 -0.03 -14.28
C THR F 106 -5.01 -1.10 -14.01
N ILE F 107 -5.44 -2.35 -13.96
CA ILE F 107 -4.52 -3.43 -13.58
C ILE F 107 -3.46 -3.55 -14.66
N ARG F 108 -3.88 -3.52 -15.92
CA ARG F 108 -2.91 -3.70 -17.00
C ARG F 108 -2.06 -2.46 -17.13
N GLY F 109 -2.68 -1.29 -16.96
CA GLY F 109 -1.96 -0.02 -16.96
C GLY F 109 -0.84 0.02 -15.92
N ASP F 110 -1.01 -0.71 -14.81
CA ASP F 110 -0.10 -0.60 -13.69
C ASP F 110 0.96 -1.70 -13.77
N PHE F 111 0.63 -2.86 -14.34
CA PHE F 111 1.42 -4.06 -14.14
C PHE F 111 1.89 -4.73 -15.43
N CYS F 112 1.42 -4.33 -16.60
CA CYS F 112 1.68 -5.12 -17.81
C CYS F 112 2.25 -4.26 -18.93
N ILE F 113 2.98 -4.90 -19.83
CA ILE F 113 3.57 -4.17 -20.94
C ILE F 113 2.96 -4.61 -22.26
N GLU F 114 2.81 -5.93 -22.47
CA GLU F 114 2.50 -6.45 -23.79
C GLU F 114 1.23 -7.31 -23.75
N VAL F 115 0.53 -7.37 -24.90
CA VAL F 115 -0.81 -7.93 -24.98
C VAL F 115 -0.83 -9.44 -24.69
N GLY F 116 0.24 -10.15 -25.05
CA GLY F 116 0.34 -11.58 -24.78
C GLY F 116 0.49 -11.91 -23.31
N LYS F 117 1.03 -10.95 -22.55
CA LYS F 117 1.25 -11.15 -21.12
C LYS F 117 0.56 -10.03 -20.34
N ASN F 118 -0.77 -10.08 -20.37
CA ASN F 118 -1.65 -9.08 -19.82
C ASN F 118 -2.45 -9.62 -18.63
N LEU F 119 -1.97 -10.68 -17.99
CA LEU F 119 -2.21 -10.94 -16.58
C LEU F 119 -3.57 -11.55 -16.27
N ILE F 120 -4.62 -11.18 -16.99
CA ILE F 120 -5.95 -11.51 -16.53
C ILE F 120 -6.92 -11.50 -17.70
N HIS F 121 -7.94 -12.37 -17.63
CA HIS F 121 -9.04 -12.35 -18.57
C HIS F 121 -10.28 -11.92 -17.81
N GLY F 122 -11.10 -11.08 -18.45
CA GLY F 122 -12.44 -10.83 -17.94
C GLY F 122 -13.49 -11.01 -19.03
N SER F 123 -14.65 -11.54 -18.67
CA SER F 123 -15.72 -11.67 -19.67
C SER F 123 -15.97 -10.31 -20.27
N ASP F 124 -16.20 -10.30 -21.58
CA ASP F 124 -16.36 -9.08 -22.34
C ASP F 124 -17.82 -8.72 -22.54
N SER F 125 -18.74 -9.60 -22.11
CA SER F 125 -20.15 -9.28 -22.19
C SER F 125 -20.91 -10.19 -21.24
N VAL F 126 -22.17 -9.81 -20.99
CA VAL F 126 -22.99 -10.59 -20.09
C VAL F 126 -23.15 -11.97 -20.68
N GLU F 127 -23.32 -12.02 -22.01
CA GLU F 127 -23.42 -13.28 -22.73
C GLU F 127 -22.18 -14.12 -22.45
N SER F 128 -20.99 -13.55 -22.69
CA SER F 128 -19.74 -14.28 -22.53
C SER F 128 -19.60 -14.80 -21.10
N ALA F 129 -20.09 -14.00 -20.13
CA ALA F 129 -19.96 -14.38 -18.74
C ALA F 129 -20.82 -15.61 -18.45
N ARG F 130 -22.04 -15.64 -18.99
CA ARG F 130 -22.94 -16.76 -18.78
C ARG F 130 -22.23 -18.04 -19.23
N ARG F 131 -21.71 -17.99 -20.46
CA ARG F 131 -21.05 -19.13 -21.07
C ARG F 131 -19.81 -19.49 -20.28
N GLU F 132 -18.98 -18.48 -19.94
CA GLU F 132 -17.68 -18.75 -19.36
C GLU F 132 -17.90 -19.33 -17.97
N ILE F 133 -18.95 -18.88 -17.28
CA ILE F 133 -19.15 -19.29 -15.91
C ILE F 133 -19.55 -20.76 -15.89
N ALA F 134 -20.43 -21.12 -16.84
CA ALA F 134 -20.90 -22.50 -16.93
C ALA F 134 -19.77 -23.43 -17.42
N LEU F 135 -18.91 -22.91 -18.29
CA LEU F 135 -17.82 -23.69 -18.86
C LEU F 135 -16.79 -24.04 -17.78
N TRP F 136 -16.50 -23.08 -16.91
CA TRP F 136 -15.40 -23.21 -15.96
C TRP F 136 -15.86 -23.70 -14.58
N PHE F 137 -17.15 -23.55 -14.26
CA PHE F 137 -17.63 -23.80 -12.88
C PHE F 137 -18.96 -24.55 -12.85
N ARG F 138 -19.03 -25.58 -11.99
CA ARG F 138 -20.29 -26.21 -11.64
C ARG F 138 -21.12 -25.24 -10.83
N ALA F 139 -22.46 -25.34 -10.96
CA ALA F 139 -23.39 -24.49 -10.24
C ALA F 139 -23.18 -24.56 -8.72
N ASP F 140 -22.71 -25.69 -8.20
CA ASP F 140 -22.58 -25.84 -6.75
C ASP F 140 -21.23 -25.28 -6.26
N GLU F 141 -20.45 -24.68 -7.16
CA GLU F 141 -19.19 -24.01 -6.84
C GLU F 141 -19.42 -22.50 -6.69
N LEU F 142 -20.56 -22.00 -7.20
CA LEU F 142 -20.96 -20.62 -7.02
C LEU F 142 -21.73 -20.51 -5.69
N LEU F 143 -21.27 -19.63 -4.80
CA LEU F 143 -21.81 -19.56 -3.45
C LEU F 143 -22.70 -18.31 -3.28
N CYS F 144 -23.91 -18.52 -2.72
CA CYS F 144 -24.62 -17.45 -2.06
C CYS F 144 -24.05 -17.31 -0.66
N TRP F 145 -23.76 -16.08 -0.26
CA TRP F 145 -23.52 -15.80 1.14
C TRP F 145 -24.10 -14.44 1.49
N GLU F 146 -24.55 -14.28 2.74
CA GLU F 146 -25.15 -13.05 3.21
C GLU F 146 -24.05 -11.99 3.31
N ASP F 147 -24.02 -11.07 2.32
CA ASP F 147 -22.96 -10.06 2.19
C ASP F 147 -23.28 -8.88 3.10
N SER F 148 -22.58 -8.76 4.22
CA SER F 148 -22.90 -7.72 5.19
C SER F 148 -22.37 -6.34 4.74
N ALA F 149 -21.42 -6.29 3.78
CA ALA F 149 -20.94 -5.02 3.25
C ALA F 149 -21.98 -4.36 2.34
N GLY F 150 -22.88 -5.16 1.75
CA GLY F 150 -23.79 -4.75 0.69
C GLY F 150 -24.73 -3.60 1.05
N HIS F 151 -25.04 -3.41 2.36
CA HIS F 151 -25.85 -2.27 2.77
C HIS F 151 -25.13 -0.95 2.50
N TRP F 152 -23.80 -0.99 2.29
CA TRP F 152 -22.97 0.19 2.16
C TRP F 152 -22.41 0.35 0.74
N LEU F 153 -22.90 -0.47 -0.20
CA LEU F 153 -22.47 -0.43 -1.59
C LEU F 153 -23.63 -0.15 -2.55
N TYR F 154 -24.84 -0.56 -2.13
CA TYR F 154 -26.10 -0.39 -2.85
C TYR F 154 -27.07 0.40 -1.97
N GLU F 155 -28.05 1.06 -2.59
CA GLU F 155 -29.19 1.61 -1.87
C GLU F 155 -30.18 0.47 -1.59
P PO4 G . 3.24 10.86 25.21
O1 PO4 G . 2.03 11.02 26.12
O2 PO4 G . 2.91 9.85 24.08
O3 PO4 G . 3.58 12.24 24.61
O4 PO4 G . 4.43 10.34 26.00
P PO4 H . 25.38 -9.94 4.84
O1 PO4 H . 25.39 -9.25 3.47
O2 PO4 H . 24.32 -9.24 5.78
O3 PO4 H . 25.07 -11.43 4.65
O4 PO4 H . 26.78 -9.82 5.48
P PO4 I . -7.17 -22.56 14.44
O1 PO4 I . -7.91 -23.00 13.17
O2 PO4 I . -5.83 -21.85 14.07
O3 PO4 I . -8.09 -21.62 15.19
O4 PO4 I . -6.88 -23.81 15.27
P PO4 J . -22.67 15.07 -3.66
O1 PO4 J . -23.13 16.52 -3.52
O2 PO4 J . -21.11 15.08 -3.91
O3 PO4 J . -23.08 14.27 -2.40
O4 PO4 J . -23.37 14.43 -4.84
P PO4 K . 10.02 18.32 -17.80
O1 PO4 K . 10.77 17.77 -16.61
O2 PO4 K . 9.43 17.15 -18.63
O3 PO4 K . 8.89 19.24 -17.31
O4 PO4 K . 11.00 19.14 -18.66
P PO4 L . -8.63 -11.71 -23.05
O1 PO4 L . -9.04 -13.18 -23.08
O2 PO4 L . -9.58 -10.81 -22.12
O3 PO4 L . -7.22 -11.67 -22.52
O4 PO4 L . -8.62 -11.16 -24.47
#